data_4DIQ
#
_entry.id   4DIQ
#
_cell.length_a   78.674
_cell.length_b   149.550
_cell.length_c   105.311
_cell.angle_alpha   90.00
_cell.angle_beta   90.00
_cell.angle_gamma   90.00
#
_symmetry.space_group_name_H-M   'P 21 21 2'
#
loop_
_entity.id
_entity.type
_entity.pdbx_description
1 polymer 'Lysine-specific demethylase NO66'
2 non-polymer 'NICKEL (II) ION'
3 non-polymer 'PYRIDINE-2,4-DICARBOXYLIC ACID'
4 non-polymer 'SULFATE ION'
5 water water
#
_entity_poly.entity_id   1
_entity_poly.type   'polypeptide(L)'
_entity_poly.pdbx_seq_one_letter_code
;LRRRYTMASGPQVDNTGGEPAWDSPLRRVLAELNRIPSSRRRAARLFEWLIAPMPPDHFYRRLWEREAVLVRRQDHTYYQ
GLFSTADLDSMLRNEEVQFGQHLDAARYINGRRETLNPPGRALPAAAWSLYQAGCSLRLLCPQAFSTTVWQFLAVLQEQF
GSMAGSNVYLTPPNSQGFAPHYDDIEAFVLQLEGRKLWRVYRPRAPTEELALTSSPNFSQDDLGEPVLQTVLEPGDLLYF
PRGFIHQAECQDGVHSLHLTLSTYQRNTWGDFLEAILPLAVQAAMEENVEFRRGLPRDFMDYMGAQHSDSKDPRRTAFME
KVRVLVARLGHFAPVDAVADQRAKDFIHDSLPPVLTDRERALSVYGLPIRWEAGEPVNVGAQLTTETEVHMLQDGIARLV
GEGGHLFLYYTVENSRVYHLEEPKCLEIYPQQADAMELLLGSYPEFVRVGDLPCDSVEDQLSLATTLYDKGLLLTKMPLA
LNAENLYFQ
;
_entity_poly.pdbx_strand_id   A,B
#
# COMPACT_ATOMS: atom_id res chain seq x y z
N TRP A 22 36.80 -25.52 -28.72
CA TRP A 22 35.77 -26.12 -29.63
C TRP A 22 34.88 -27.08 -28.87
N ASP A 23 35.46 -28.02 -28.11
CA ASP A 23 34.69 -29.13 -27.46
C ASP A 23 34.84 -29.25 -25.93
N SER A 24 34.09 -28.44 -25.20
CA SER A 24 34.22 -28.36 -23.75
C SER A 24 33.03 -29.04 -23.04
N PRO A 25 33.17 -29.27 -21.74
CA PRO A 25 31.97 -29.77 -21.09
C PRO A 25 30.75 -28.86 -21.28
N LEU A 26 30.94 -27.54 -21.35
CA LEU A 26 29.82 -26.65 -21.57
C LEU A 26 29.26 -26.86 -22.99
N ARG A 27 30.12 -27.06 -24.00
CA ARG A 27 29.58 -27.23 -25.36
C ARG A 27 28.88 -28.60 -25.45
N ARG A 28 29.42 -29.60 -24.76
CA ARG A 28 28.80 -30.93 -24.73
CA ARG A 28 28.81 -30.92 -24.72
C ARG A 28 27.41 -30.84 -24.07
N VAL A 29 27.32 -30.17 -22.93
CA VAL A 29 26.03 -30.16 -22.25
C VAL A 29 24.99 -29.32 -23.00
N LEU A 30 25.41 -28.26 -23.68
CA LEU A 30 24.46 -27.54 -24.52
C LEU A 30 23.99 -28.41 -25.72
N ALA A 31 24.85 -29.28 -26.28
CA ALA A 31 24.41 -30.19 -27.35
C ALA A 31 23.38 -31.20 -26.83
N GLU A 32 23.67 -31.72 -25.63
CA GLU A 32 22.72 -32.58 -24.95
C GLU A 32 21.35 -31.88 -24.75
N LEU A 33 21.36 -30.64 -24.28
CA LEU A 33 20.09 -29.92 -24.00
C LEU A 33 19.27 -29.79 -25.28
N ASN A 34 19.96 -29.61 -26.41
CA ASN A 34 19.30 -29.52 -27.71
C ASN A 34 18.43 -30.78 -28.00
N ARG A 35 18.79 -31.94 -27.41
CA ARG A 35 18.07 -33.19 -27.65
C ARG A 35 17.03 -33.52 -26.60
N ILE A 36 16.97 -32.78 -25.51
CA ILE A 36 15.95 -33.03 -24.48
C ILE A 36 14.71 -32.25 -24.95
N PRO A 37 13.61 -32.94 -25.23
CA PRO A 37 12.43 -32.26 -25.76
C PRO A 37 11.78 -31.28 -24.77
N SER A 38 11.80 -31.54 -23.47
CA SER A 38 11.11 -30.69 -22.46
C SER A 38 11.99 -29.57 -21.90
N SER A 39 11.49 -28.33 -21.93
CA SER A 39 12.25 -27.18 -21.41
C SER A 39 12.49 -27.31 -19.92
N ARG A 40 11.52 -27.88 -19.21
CA ARG A 40 11.62 -28.12 -17.76
C ARG A 40 12.81 -29.06 -17.48
N ARG A 41 12.87 -30.15 -18.21
CA ARG A 41 13.93 -31.12 -18.01
C ARG A 41 15.28 -30.52 -18.39
N ARG A 42 15.31 -29.66 -19.42
CA ARG A 42 16.56 -28.96 -19.77
C ARG A 42 17.11 -28.04 -18.68
N ALA A 43 16.20 -27.33 -18.03
CA ALA A 43 16.58 -26.47 -16.91
C ALA A 43 17.19 -27.28 -15.77
N ALA A 44 16.54 -28.38 -15.38
CA ALA A 44 17.02 -29.19 -14.23
C ALA A 44 18.39 -29.74 -14.55
N ARG A 45 18.56 -30.24 -15.78
CA ARG A 45 19.83 -30.80 -16.19
C ARG A 45 20.96 -29.76 -16.19
N LEU A 46 20.69 -28.57 -16.69
CA LEU A 46 21.74 -27.57 -16.75
C LEU A 46 22.14 -27.19 -15.31
N PHE A 47 21.18 -27.11 -14.38
CA PHE A 47 21.52 -26.79 -13.01
C PHE A 47 22.36 -27.91 -12.40
N GLU A 48 21.94 -29.13 -12.66
CA GLU A 48 22.70 -30.31 -12.28
C GLU A 48 24.15 -30.25 -12.78
N TRP A 49 24.32 -29.94 -14.05
CA TRP A 49 25.65 -29.75 -14.62
C TRP A 49 26.42 -28.63 -13.95
N LEU A 50 25.75 -27.52 -13.64
CA LEU A 50 26.42 -26.38 -13.06
C LEU A 50 27.15 -26.67 -11.73
N ILE A 51 26.52 -27.47 -10.88
CA ILE A 51 27.10 -27.78 -9.59
C ILE A 51 27.61 -29.21 -9.53
N ALA A 52 27.64 -29.92 -10.65
CA ALA A 52 28.15 -31.29 -10.70
C ALA A 52 29.51 -31.33 -10.01
N PRO A 53 29.74 -32.31 -9.11
CA PRO A 53 28.94 -33.49 -8.83
C PRO A 53 28.09 -33.39 -7.54
N MET A 54 28.04 -32.22 -6.95
CA MET A 54 27.04 -31.86 -5.95
C MET A 54 25.63 -32.21 -6.47
N PRO A 55 24.90 -33.14 -5.80
CA PRO A 55 23.48 -33.35 -6.17
C PRO A 55 22.54 -32.16 -5.82
N PRO A 56 21.74 -31.69 -6.80
CA PRO A 56 20.82 -30.57 -6.62
C PRO A 56 19.87 -30.78 -5.47
N ASP A 57 19.49 -32.03 -5.26
CA ASP A 57 18.62 -32.39 -4.18
C ASP A 57 19.27 -32.02 -2.86
N HIS A 58 20.50 -32.45 -2.65
CA HIS A 58 21.21 -32.06 -1.44
C HIS A 58 21.36 -30.58 -1.41
N PHE A 59 21.77 -29.99 -2.53
CA PHE A 59 22.05 -28.56 -2.55
C PHE A 59 20.84 -27.75 -2.12
N TYR A 60 19.68 -28.04 -2.68
CA TYR A 60 18.51 -27.25 -2.33
C TYR A 60 17.99 -27.56 -0.94
N ARG A 61 18.13 -28.80 -0.47
CA ARG A 61 17.64 -29.14 0.85
C ARG A 61 18.50 -28.56 2.01
N ARG A 62 19.81 -28.60 1.90
CA ARG A 62 20.70 -28.33 3.04
C ARG A 62 21.54 -27.06 2.87
N LEU A 63 21.94 -26.72 1.64
CA LEU A 63 22.94 -25.66 1.42
C LEU A 63 22.40 -24.27 0.98
N TRP A 64 21.44 -24.30 0.08
CA TRP A 64 20.82 -23.10 -0.48
C TRP A 64 20.24 -22.22 0.56
N GLU A 65 20.57 -20.92 0.49
CA GLU A 65 20.16 -19.94 1.50
C GLU A 65 20.72 -20.14 2.93
N ARG A 66 21.68 -21.05 3.08
CA ARG A 66 22.19 -21.47 4.40
C ARG A 66 23.72 -21.45 4.53
N GLU A 67 24.43 -21.93 3.51
CA GLU A 67 25.86 -22.15 3.58
C GLU A 67 26.59 -21.67 2.34
N ALA A 68 27.80 -21.16 2.55
CA ALA A 68 28.76 -20.98 1.46
C ALA A 68 29.20 -22.36 0.94
N VAL A 69 29.42 -22.52 -0.37
CA VAL A 69 29.80 -23.79 -0.94
C VAL A 69 30.82 -23.61 -2.04
N LEU A 70 31.87 -24.44 -2.04
CA LEU A 70 32.92 -24.44 -3.08
C LEU A 70 32.93 -25.77 -3.80
N VAL A 71 32.76 -25.75 -5.12
CA VAL A 71 32.88 -26.98 -5.86
C VAL A 71 34.20 -26.95 -6.60
N ARG A 72 35.12 -27.78 -6.15
CA ARG A 72 36.41 -27.99 -6.81
C ARG A 72 36.26 -28.90 -7.98
N ARG A 73 36.24 -28.34 -9.18
CA ARG A 73 35.92 -29.14 -10.36
C ARG A 73 37.02 -30.04 -10.89
N GLN A 74 38.29 -29.71 -10.66
CA GLN A 74 39.41 -30.52 -11.17
C GLN A 74 39.36 -30.57 -12.73
N ASP A 75 38.98 -29.47 -13.39
CA ASP A 75 38.78 -29.40 -14.85
C ASP A 75 38.72 -27.93 -15.31
N HIS A 76 39.87 -27.50 -15.81
CA HIS A 76 40.05 -26.13 -16.20
C HIS A 76 39.22 -25.76 -17.41
N THR A 77 38.73 -26.74 -18.14
CA THR A 77 37.99 -26.43 -19.36
C THR A 77 36.46 -26.35 -19.14
N TYR A 78 35.98 -26.58 -17.93
CA TYR A 78 34.55 -26.85 -17.69
C TYR A 78 33.63 -25.85 -18.37
N TYR A 79 33.97 -24.55 -18.26
CA TYR A 79 33.09 -23.45 -18.70
C TYR A 79 33.41 -22.85 -20.07
N GLN A 80 34.43 -23.39 -20.72
CA GLN A 80 34.90 -22.83 -21.99
C GLN A 80 33.81 -22.67 -23.04
N GLY A 81 33.73 -21.46 -23.61
CA GLY A 81 32.67 -21.07 -24.52
C GLY A 81 31.67 -20.09 -23.89
N LEU A 82 31.62 -19.99 -22.55
CA LEU A 82 30.63 -19.11 -21.88
C LEU A 82 31.02 -17.64 -22.03
N PHE A 83 32.26 -17.32 -21.66
CA PHE A 83 32.74 -15.96 -21.79
C PHE A 83 34.26 -15.86 -21.55
N SER A 84 34.93 -14.98 -22.25
CA SER A 84 36.38 -14.91 -22.19
C SER A 84 36.75 -13.45 -22.25
N THR A 85 38.01 -13.16 -21.97
CA THR A 85 38.52 -11.82 -22.09
C THR A 85 38.44 -11.39 -23.55
N ALA A 86 38.70 -12.32 -24.49
CA ALA A 86 38.61 -12.00 -25.91
C ALA A 86 37.20 -11.53 -26.26
N ASP A 87 36.19 -12.16 -25.68
CA ASP A 87 34.79 -11.74 -25.91
C ASP A 87 34.61 -10.31 -25.41
N LEU A 88 35.20 -10.01 -24.25
CA LEU A 88 35.06 -8.69 -23.67
C LEU A 88 35.63 -7.63 -24.59
N ASP A 89 36.83 -7.89 -25.09
CA ASP A 89 37.55 -6.96 -25.98
C ASP A 89 36.70 -6.69 -27.21
N SER A 90 36.31 -7.79 -27.85
CA SER A 90 35.42 -7.72 -29.00
C SER A 90 34.14 -6.89 -28.74
N MET A 91 33.48 -7.07 -27.59
CA MET A 91 32.23 -6.34 -27.34
C MET A 91 32.46 -4.84 -27.14
N LEU A 92 33.57 -4.50 -26.50
CA LEU A 92 33.98 -3.11 -26.30
C LEU A 92 34.20 -2.45 -27.66
N ARG A 93 34.81 -3.21 -28.57
CA ARG A 93 35.06 -2.73 -29.92
C ARG A 93 33.80 -2.67 -30.79
N ASN A 94 32.93 -3.68 -30.72
CA ASN A 94 31.88 -3.83 -31.76
C ASN A 94 30.51 -3.38 -31.30
N GLU A 95 30.32 -3.19 -30.00
CA GLU A 95 29.01 -2.80 -29.48
C GLU A 95 29.10 -1.47 -28.78
N GLU A 96 27.96 -0.83 -28.57
CA GLU A 96 27.89 0.50 -27.93
C GLU A 96 27.88 0.34 -26.41
N VAL A 97 29.02 -0.02 -25.84
CA VAL A 97 29.16 -0.25 -24.40
C VAL A 97 29.57 1.06 -23.71
N GLN A 98 28.75 1.51 -22.75
CA GLN A 98 28.98 2.76 -22.02
C GLN A 98 29.51 2.49 -20.61
N PHE A 99 30.38 3.35 -20.12
CA PHE A 99 30.71 3.38 -18.72
C PHE A 99 29.50 3.74 -17.88
N GLY A 100 29.39 3.10 -16.73
CA GLY A 100 28.30 3.39 -15.81
C GLY A 100 27.13 2.53 -16.19
N GLN A 101 26.60 2.75 -17.39
CA GLN A 101 25.42 2.02 -17.77
C GLN A 101 25.77 0.56 -17.93
N HIS A 102 26.89 0.24 -18.57
CA HIS A 102 27.23 -1.18 -18.82
C HIS A 102 28.50 -1.69 -18.21
N LEU A 103 29.51 -0.84 -18.01
CA LEU A 103 30.81 -1.29 -17.60
C LEU A 103 31.35 -0.38 -16.52
N ASP A 104 31.90 -0.93 -15.44
CA ASP A 104 32.56 -0.11 -14.43
C ASP A 104 34.01 -0.44 -14.36
N ALA A 105 34.81 0.55 -13.96
CA ALA A 105 36.22 0.40 -13.68
C ALA A 105 36.37 0.82 -12.22
N ALA A 106 36.88 -0.08 -11.40
CA ALA A 106 36.98 0.16 -9.99
C ALA A 106 38.30 -0.33 -9.45
N ARG A 107 38.77 0.30 -8.37
CA ARG A 107 39.94 -0.18 -7.60
C ARG A 107 39.68 -0.05 -6.13
N TYR A 108 40.20 -1.00 -5.40
CA TYR A 108 40.19 -0.98 -3.94
C TYR A 108 41.65 -0.85 -3.53
N ILE A 109 42.01 0.28 -2.94
CA ILE A 109 43.42 0.64 -2.80
C ILE A 109 43.61 1.40 -1.47
N ASN A 110 44.55 0.92 -0.63
CA ASN A 110 44.88 1.55 0.64
C ASN A 110 43.60 1.68 1.47
N GLY A 111 42.77 0.63 1.45
CA GLY A 111 41.47 0.58 2.13
C GLY A 111 40.30 1.41 1.59
N ARG A 112 40.37 1.93 0.37
CA ARG A 112 39.24 2.73 -0.15
C ARG A 112 38.83 2.26 -1.55
N ARG A 113 37.52 2.16 -1.78
CA ARG A 113 36.98 1.89 -3.11
C ARG A 113 37.05 3.20 -3.88
N GLU A 114 37.63 3.17 -5.07
CA GLU A 114 37.56 4.30 -6.04
C GLU A 114 36.80 3.86 -7.31
N THR A 115 36.03 4.78 -7.91
CA THR A 115 35.40 4.51 -9.22
C THR A 115 35.99 5.45 -10.24
N LEU A 116 36.57 4.90 -11.28
CA LEU A 116 37.31 5.69 -12.23
C LEU A 116 36.64 5.72 -13.58
N ASN A 117 35.32 5.58 -13.60
CA ASN A 117 34.55 5.58 -14.85
C ASN A 117 34.60 6.95 -15.51
N PRO A 118 35.33 7.08 -16.64
CA PRO A 118 35.14 8.31 -17.40
C PRO A 118 33.74 8.25 -18.01
N PRO A 119 33.13 9.40 -18.28
CA PRO A 119 31.83 9.31 -18.92
C PRO A 119 31.94 8.91 -20.40
N GLY A 120 30.84 8.38 -20.92
CA GLY A 120 30.71 8.04 -22.33
C GLY A 120 31.05 6.62 -22.67
N ARG A 121 31.40 6.42 -23.94
CA ARG A 121 31.58 5.09 -24.44
C ARG A 121 32.86 4.50 -23.90
N ALA A 122 32.82 3.20 -23.65
CA ALA A 122 33.96 2.46 -23.16
C ALA A 122 34.66 1.79 -24.33
N LEU A 123 35.55 2.52 -24.98
CA LEU A 123 36.36 1.97 -26.06
C LEU A 123 37.44 1.06 -25.46
N PRO A 124 37.91 0.07 -26.24
CA PRO A 124 39.03 -0.76 -25.83
C PRO A 124 40.24 0.02 -25.30
N ALA A 125 40.67 1.05 -26.03
CA ALA A 125 41.80 1.87 -25.58
C ALA A 125 41.59 2.35 -24.13
N ALA A 126 40.43 2.93 -23.82
CA ALA A 126 40.21 3.46 -22.48
C ALA A 126 40.15 2.30 -21.45
N ALA A 127 39.38 1.28 -21.77
CA ALA A 127 39.17 0.20 -20.82
C ALA A 127 40.47 -0.51 -20.48
N TRP A 128 41.32 -0.77 -21.48
CA TRP A 128 42.57 -1.48 -21.20
C TRP A 128 43.62 -0.63 -20.51
N SER A 129 43.58 0.69 -20.71
CA SER A 129 44.42 1.61 -19.89
C SER A 129 44.04 1.58 -18.43
N LEU A 130 42.72 1.62 -18.16
CA LEU A 130 42.25 1.56 -16.77
C LEU A 130 42.72 0.24 -16.15
N TYR A 131 42.60 -0.83 -16.93
CA TYR A 131 43.01 -2.16 -16.47
C TYR A 131 44.50 -2.15 -16.11
N GLN A 132 45.32 -1.53 -16.95
CA GLN A 132 46.78 -1.43 -16.67
C GLN A 132 47.10 -0.49 -15.52
N ALA A 133 46.22 0.45 -15.23
CA ALA A 133 46.30 1.23 -13.99
C ALA A 133 45.81 0.50 -12.71
N GLY A 134 45.50 -0.80 -12.78
CA GLY A 134 45.08 -1.58 -11.61
C GLY A 134 43.57 -1.70 -11.46
N CYS A 135 42.79 -1.21 -12.44
CA CYS A 135 41.32 -1.20 -12.29
C CYS A 135 40.72 -2.52 -12.67
N SER A 136 39.83 -3.05 -11.82
CA SER A 136 39.04 -4.22 -12.20
C SER A 136 37.97 -3.65 -13.15
N LEU A 137 37.50 -4.47 -14.10
CA LEU A 137 36.40 -4.10 -14.99
C LEU A 137 35.22 -5.02 -14.73
N ARG A 138 34.04 -4.43 -14.55
CA ARG A 138 32.81 -5.17 -14.32
C ARG A 138 31.78 -4.87 -15.40
N LEU A 139 31.34 -5.91 -16.10
CA LEU A 139 30.31 -5.82 -17.14
C LEU A 139 28.95 -6.17 -16.49
N LEU A 140 28.03 -5.22 -16.50
CA LEU A 140 26.74 -5.37 -15.87
C LEU A 140 25.71 -6.25 -16.58
N CYS A 141 25.81 -6.44 -17.89
CA CYS A 141 24.71 -7.17 -18.55
C CYS A 141 25.23 -8.01 -19.69
N PRO A 142 26.04 -9.02 -19.36
CA PRO A 142 26.72 -9.73 -20.45
C PRO A 142 25.77 -10.43 -21.42
N GLN A 143 24.65 -10.89 -20.89
CA GLN A 143 23.61 -11.53 -21.70
C GLN A 143 23.04 -10.65 -22.82
N ALA A 144 23.17 -9.33 -22.69
CA ALA A 144 22.71 -8.42 -23.78
C ALA A 144 23.65 -8.49 -24.95
N PHE A 145 24.85 -9.00 -24.74
CA PHE A 145 25.90 -8.98 -25.75
C PHE A 145 26.47 -10.33 -26.12
N SER A 146 26.29 -11.32 -25.26
CA SER A 146 26.81 -12.66 -25.49
C SER A 146 25.61 -13.61 -25.63
N THR A 147 25.54 -14.34 -26.73
CA THR A 147 24.40 -15.22 -26.90
C THR A 147 24.59 -16.48 -26.04
N THR A 148 25.84 -16.81 -25.71
CA THR A 148 26.05 -17.97 -24.85
C THR A 148 25.62 -17.68 -23.42
N VAL A 149 25.96 -16.50 -22.89
CA VAL A 149 25.48 -16.12 -21.54
C VAL A 149 23.94 -16.02 -21.53
N TRP A 150 23.36 -15.54 -22.61
CA TRP A 150 21.92 -15.48 -22.74
C TRP A 150 21.28 -16.83 -22.64
N GLN A 151 21.77 -17.78 -23.42
CA GLN A 151 21.23 -19.14 -23.39
C GLN A 151 21.34 -19.75 -21.99
N PHE A 152 22.55 -19.67 -21.44
CA PHE A 152 22.80 -20.17 -20.11
C PHE A 152 21.79 -19.61 -19.07
N LEU A 153 21.61 -18.30 -19.04
CA LEU A 153 20.69 -17.70 -18.09
C LEU A 153 19.22 -18.01 -18.38
N ALA A 154 18.86 -18.07 -19.65
CA ALA A 154 17.48 -18.26 -20.06
C ALA A 154 17.03 -19.65 -19.64
N VAL A 155 17.91 -20.62 -19.73
CA VAL A 155 17.55 -21.99 -19.29
C VAL A 155 17.47 -22.05 -17.76
N LEU A 156 18.49 -21.56 -17.06
CA LEU A 156 18.52 -21.66 -15.60
C LEU A 156 17.37 -20.92 -14.93
N GLN A 157 16.99 -19.77 -15.47
CA GLN A 157 15.87 -19.02 -14.89
C GLN A 157 14.59 -19.92 -14.77
N GLU A 158 14.45 -20.87 -15.67
CA GLU A 158 13.26 -21.68 -15.69
C GLU A 158 13.16 -22.58 -14.45
N GLN A 159 14.29 -22.90 -13.81
CA GLN A 159 14.23 -23.71 -12.58
C GLN A 159 14.45 -22.88 -11.32
N PHE A 160 14.67 -21.59 -11.46
CA PHE A 160 14.78 -20.77 -10.27
C PHE A 160 13.45 -20.15 -9.97
N GLY A 161 12.61 -19.93 -10.98
CA GLY A 161 11.35 -19.21 -10.75
C GLY A 161 11.59 -17.70 -10.50
N SER A 162 12.76 -17.23 -10.90
CA SER A 162 13.20 -15.89 -10.61
C SER A 162 14.24 -15.53 -11.64
N MET A 163 14.20 -14.29 -12.07
CA MET A 163 15.18 -13.79 -13.00
C MET A 163 16.58 -14.26 -12.61
N ALA A 164 17.33 -14.73 -13.60
CA ALA A 164 18.72 -15.10 -13.47
C ALA A 164 19.54 -14.04 -14.21
N GLY A 165 20.34 -13.24 -13.48
CA GLY A 165 21.16 -12.14 -14.05
C GLY A 165 22.60 -12.55 -13.97
N SER A 166 23.52 -11.72 -14.48
CA SER A 166 24.94 -12.01 -14.34
C SER A 166 25.76 -10.74 -14.40
N ASN A 167 26.95 -10.81 -13.83
CA ASN A 167 27.97 -9.79 -13.96
C ASN A 167 29.26 -10.49 -14.31
N VAL A 168 30.10 -9.89 -15.17
CA VAL A 168 31.47 -10.38 -15.43
C VAL A 168 32.51 -9.47 -14.81
N TYR A 169 33.43 -10.07 -14.06
CA TYR A 169 34.50 -9.35 -13.34
C TYR A 169 35.88 -9.73 -13.89
N LEU A 170 36.60 -8.74 -14.39
CA LEU A 170 38.00 -8.96 -14.83
C LEU A 170 38.91 -8.12 -13.94
N THR A 171 39.81 -8.81 -13.23
CA THR A 171 40.70 -8.14 -12.27
C THR A 171 42.14 -8.40 -12.69
N PRO A 172 42.94 -7.33 -12.78
CA PRO A 172 44.35 -7.46 -13.13
C PRO A 172 45.16 -8.08 -12.00
N PRO A 173 46.36 -8.61 -12.30
CA PRO A 173 47.22 -9.21 -11.27
C PRO A 173 47.53 -8.29 -10.08
N ASN A 174 47.80 -8.89 -8.91
CA ASN A 174 48.17 -8.14 -7.71
C ASN A 174 47.26 -6.96 -7.41
N SER A 175 45.97 -7.21 -7.43
CA SER A 175 45.03 -6.10 -7.29
C SER A 175 43.70 -6.56 -6.71
N GLN A 176 42.94 -5.62 -6.18
CA GLN A 176 41.59 -5.90 -5.73
C GLN A 176 40.70 -4.80 -6.30
N GLY A 177 39.62 -5.20 -6.96
CA GLY A 177 38.66 -4.23 -7.50
C GLY A 177 37.73 -3.56 -6.48
N PHE A 178 37.23 -4.29 -5.48
CA PHE A 178 36.11 -3.78 -4.67
C PHE A 178 36.30 -3.98 -3.18
N ALA A 179 35.68 -3.10 -2.41
CA ALA A 179 35.63 -3.20 -0.97
C ALA A 179 34.74 -4.39 -0.65
N PRO A 180 34.98 -5.02 0.51
CA PRO A 180 34.16 -6.16 0.93
C PRO A 180 32.72 -5.69 1.05
N HIS A 181 31.78 -6.54 0.65
CA HIS A 181 30.37 -6.21 0.67
C HIS A 181 29.58 -7.48 0.71
N TYR A 182 28.29 -7.37 0.98
CA TYR A 182 27.37 -8.45 0.66
C TYR A 182 26.30 -7.98 -0.30
N ASP A 183 25.81 -8.95 -1.06
CA ASP A 183 24.83 -8.73 -2.10
C ASP A 183 23.45 -9.03 -1.55
N ASP A 184 22.46 -8.67 -2.35
CA ASP A 184 21.06 -8.93 -2.04
C ASP A 184 20.49 -10.03 -2.98
N ILE A 185 21.36 -10.83 -3.55
CA ILE A 185 20.94 -11.89 -4.46
C ILE A 185 21.74 -13.12 -4.10
N GLU A 186 21.26 -14.28 -4.49
CA GLU A 186 22.04 -15.51 -4.32
C GLU A 186 23.05 -15.50 -5.45
N ALA A 187 24.30 -15.83 -5.13
CA ALA A 187 25.41 -15.69 -6.06
C ALA A 187 26.07 -17.04 -6.31
N PHE A 188 26.38 -17.28 -7.59
CA PHE A 188 27.14 -18.44 -7.99
C PHE A 188 28.26 -17.91 -8.79
N VAL A 189 29.47 -17.96 -8.23
CA VAL A 189 30.64 -17.47 -8.88
C VAL A 189 31.25 -18.58 -9.73
N LEU A 190 31.36 -18.33 -11.03
CA LEU A 190 31.95 -19.27 -12.00
C LEU A 190 33.33 -18.74 -12.38
N GLN A 191 34.39 -19.45 -12.00
CA GLN A 191 35.75 -19.00 -12.32
C GLN A 191 36.09 -19.38 -13.75
N LEU A 192 36.35 -18.38 -14.60
CA LEU A 192 36.50 -18.60 -16.05
C LEU A 192 37.94 -18.62 -16.55
N GLU A 193 38.77 -17.72 -16.00
CA GLU A 193 40.20 -17.63 -16.36
C GLU A 193 41.00 -17.19 -15.14
N GLY A 194 42.23 -17.71 -15.06
CA GLY A 194 43.14 -17.30 -14.00
C GLY A 194 42.75 -17.79 -12.64
N ARG A 195 43.29 -17.16 -11.61
CA ARG A 195 43.10 -17.57 -10.22
C ARG A 195 42.70 -16.35 -9.35
N LYS A 196 41.91 -16.54 -8.29
CA LYS A 196 41.57 -15.43 -7.38
C LYS A 196 41.39 -15.95 -5.94
N LEU A 197 41.93 -15.20 -4.97
CA LEU A 197 41.85 -15.52 -3.56
C LEU A 197 40.57 -14.88 -3.00
N TRP A 198 39.64 -15.73 -2.61
CA TRP A 198 38.36 -15.31 -2.10
C TRP A 198 38.28 -15.51 -0.65
N ARG A 199 37.63 -14.55 0.01
CA ARG A 199 37.26 -14.69 1.41
C ARG A 199 35.76 -14.40 1.56
N VAL A 200 35.00 -15.35 2.13
CA VAL A 200 33.57 -15.28 2.28
C VAL A 200 33.25 -15.38 3.76
N TYR A 201 32.30 -14.58 4.26
CA TYR A 201 32.00 -14.51 5.71
C TYR A 201 30.56 -14.79 6.02
N ARG A 202 30.34 -15.50 7.11
CA ARG A 202 29.00 -15.70 7.61
C ARG A 202 28.37 -14.33 7.90
N PRO A 203 27.06 -14.24 7.70
CA PRO A 203 26.38 -13.02 8.10
C PRO A 203 26.87 -12.57 9.48
N ARG A 204 27.22 -11.31 9.64
CA ARG A 204 27.84 -10.88 10.90
C ARG A 204 26.87 -10.75 12.08
N ALA A 205 25.57 -10.70 11.78
CA ALA A 205 24.57 -10.36 12.76
C ALA A 205 23.23 -10.85 12.26
N PRO A 206 22.29 -11.07 13.16
CA PRO A 206 21.02 -11.66 12.73
C PRO A 206 20.32 -10.91 11.58
N THR A 207 20.41 -9.57 11.57
CA THR A 207 19.71 -8.75 10.60
C THR A 207 20.37 -8.77 9.25
N GLU A 208 21.61 -9.21 9.18
CA GLU A 208 22.25 -9.37 7.88
C GLU A 208 22.11 -10.78 7.29
N GLU A 209 21.61 -11.74 8.07
CA GLU A 209 21.32 -13.02 7.47
C GLU A 209 20.20 -12.81 6.44
N LEU A 210 20.41 -13.38 5.25
CA LEU A 210 19.51 -13.22 4.10
C LEU A 210 19.05 -11.75 3.93
N ALA A 211 20.02 -10.85 3.86
CA ALA A 211 19.76 -9.41 3.70
C ALA A 211 18.83 -9.10 2.54
N LEU A 212 18.10 -7.99 2.71
CA LEU A 212 17.12 -7.55 1.73
C LEU A 212 17.67 -6.62 0.65
N THR A 213 18.77 -5.95 0.98
CA THR A 213 19.42 -5.01 0.07
C THR A 213 20.94 -5.13 0.23
N SER A 214 21.69 -4.75 -0.82
CA SER A 214 23.16 -4.74 -0.79
C SER A 214 23.75 -3.89 0.32
N SER A 215 24.91 -4.29 0.79
CA SER A 215 25.57 -3.63 1.90
C SER A 215 26.26 -2.36 1.45
N PRO A 216 26.55 -1.48 2.41
CA PRO A 216 27.58 -0.48 2.13
C PRO A 216 28.93 -1.13 1.92
N ASN A 217 29.90 -0.32 1.48
CA ASN A 217 31.30 -0.73 1.48
C ASN A 217 31.80 -0.88 2.92
N PHE A 218 32.33 -2.06 3.25
CA PHE A 218 32.95 -2.33 4.56
C PHE A 218 34.48 -2.09 4.54
N SER A 219 35.08 -1.91 5.70
CA SER A 219 36.56 -1.95 5.81
C SER A 219 36.94 -3.29 6.39
N GLN A 220 38.22 -3.60 6.37
CA GLN A 220 38.70 -4.85 6.98
C GLN A 220 38.44 -4.93 8.49
N ASP A 221 38.24 -3.79 9.15
CA ASP A 221 37.93 -3.71 10.59
C ASP A 221 36.50 -4.09 10.98
N ASP A 222 35.61 -4.10 10.01
CA ASP A 222 34.21 -4.51 10.23
C ASP A 222 34.04 -6.04 10.16
N LEU A 223 35.11 -6.74 9.74
CA LEU A 223 35.05 -8.15 9.41
C LEU A 223 35.72 -9.02 10.46
N GLY A 224 35.14 -10.21 10.67
CA GLY A 224 35.75 -11.26 11.47
C GLY A 224 36.66 -12.17 10.66
N GLU A 225 36.61 -13.46 11.00
CA GLU A 225 37.37 -14.49 10.35
C GLU A 225 36.46 -15.08 9.22
N PRO A 226 36.97 -15.23 7.98
CA PRO A 226 36.16 -15.88 6.92
C PRO A 226 35.65 -17.28 7.28
N VAL A 227 34.43 -17.64 6.89
CA VAL A 227 34.01 -19.05 6.96
C VAL A 227 34.70 -19.85 5.84
N LEU A 228 35.13 -19.18 4.78
CA LEU A 228 35.70 -19.89 3.64
C LEU A 228 36.67 -18.97 2.99
N GLN A 229 37.86 -19.50 2.75
CA GLN A 229 38.96 -18.75 2.18
C GLN A 229 39.69 -19.66 1.22
N THR A 230 39.80 -19.30 -0.04
CA THR A 230 40.26 -20.25 -1.04
C THR A 230 40.68 -19.51 -2.30
N VAL A 231 41.54 -20.17 -3.07
CA VAL A 231 41.95 -19.71 -4.39
C VAL A 231 41.15 -20.53 -5.39
N LEU A 232 40.30 -19.84 -6.17
CA LEU A 232 39.50 -20.48 -7.21
C LEU A 232 40.34 -20.62 -8.45
N GLU A 233 40.17 -21.74 -9.14
CA GLU A 233 40.82 -21.95 -10.45
C GLU A 233 39.71 -22.18 -11.51
N PRO A 234 40.04 -22.00 -12.80
CA PRO A 234 39.04 -22.19 -13.87
C PRO A 234 38.28 -23.53 -13.77
N GLY A 235 36.95 -23.44 -13.85
CA GLY A 235 36.09 -24.60 -13.71
C GLY A 235 35.44 -24.66 -12.37
N ASP A 236 36.09 -24.10 -11.35
CA ASP A 236 35.48 -24.10 -10.02
C ASP A 236 34.19 -23.27 -9.96
N LEU A 237 33.39 -23.55 -8.93
CA LEU A 237 32.20 -22.81 -8.65
C LEU A 237 32.19 -22.44 -7.18
N LEU A 238 31.64 -21.26 -6.86
CA LEU A 238 31.52 -20.81 -5.47
C LEU A 238 30.16 -20.16 -5.30
N TYR A 239 29.32 -20.73 -4.44
CA TYR A 239 28.00 -20.25 -4.16
C TYR A 239 27.97 -19.68 -2.78
N PHE A 240 27.24 -18.59 -2.61
CA PHE A 240 26.99 -18.10 -1.25
C PHE A 240 25.76 -17.21 -1.18
N PRO A 241 25.05 -17.26 -0.04
CA PRO A 241 23.78 -16.55 0.05
C PRO A 241 23.88 -15.04 0.22
N ARG A 242 22.80 -14.38 -0.11
CA ARG A 242 22.65 -12.96 0.19
C ARG A 242 22.90 -12.71 1.67
N GLY A 243 23.78 -11.77 1.99
CA GLY A 243 24.14 -11.47 3.37
C GLY A 243 25.55 -11.86 3.74
N PHE A 244 26.11 -12.80 2.97
CA PHE A 244 27.46 -13.30 3.22
C PHE A 244 28.44 -12.30 2.61
N ILE A 245 29.30 -11.73 3.47
CA ILE A 245 30.25 -10.73 3.01
C ILE A 245 31.28 -11.49 2.24
N HIS A 246 31.78 -10.89 1.15
CA HIS A 246 32.86 -11.51 0.39
C HIS A 246 33.76 -10.44 -0.19
N GLN A 247 34.98 -10.87 -0.47
CA GLN A 247 35.95 -10.05 -1.18
C GLN A 247 36.95 -11.00 -1.80
N ALA A 248 37.72 -10.45 -2.73
CA ALA A 248 38.54 -11.26 -3.59
C ALA A 248 39.70 -10.45 -4.13
N GLU A 249 40.79 -11.14 -4.43
CA GLU A 249 42.00 -10.47 -4.87
C GLU A 249 42.86 -11.41 -5.77
N CYS A 250 43.55 -10.84 -6.75
CA CYS A 250 44.53 -11.60 -7.52
C CYS A 250 45.90 -11.53 -6.87
N GLN A 251 46.53 -12.70 -6.77
CA GLN A 251 47.89 -12.83 -6.33
C GLN A 251 48.77 -12.73 -7.57
N ASP A 252 50.07 -12.90 -7.35
CA ASP A 252 51.12 -12.67 -8.37
C ASP A 252 50.85 -13.31 -9.72
N GLY A 253 51.04 -12.52 -10.79
CA GLY A 253 51.18 -13.03 -12.15
C GLY A 253 49.94 -13.16 -12.99
N VAL A 254 48.95 -13.89 -12.47
CA VAL A 254 47.72 -14.25 -13.18
C VAL A 254 46.61 -13.22 -12.97
N HIS A 255 45.90 -12.84 -14.04
CA HIS A 255 44.67 -12.04 -13.91
C HIS A 255 43.53 -12.94 -13.58
N SER A 256 42.35 -12.37 -13.26
CA SER A 256 41.16 -13.19 -12.94
C SER A 256 39.95 -12.80 -13.76
N LEU A 257 39.23 -13.79 -14.28
CA LEU A 257 37.97 -13.55 -14.96
C LEU A 257 36.92 -14.49 -14.40
N HIS A 258 35.81 -13.94 -13.89
CA HIS A 258 34.72 -14.73 -13.44
C HIS A 258 33.39 -14.16 -13.87
N LEU A 259 32.39 -15.04 -13.92
CA LEU A 259 31.01 -14.67 -14.15
C LEU A 259 30.24 -14.98 -12.89
N THR A 260 29.49 -14.01 -12.36
CA THR A 260 28.61 -14.31 -11.24
C THR A 260 27.18 -14.31 -11.69
N LEU A 261 26.55 -15.44 -11.46
CA LEU A 261 25.16 -15.62 -11.76
C LEU A 261 24.37 -15.26 -10.53
N SER A 262 23.35 -14.45 -10.72
CA SER A 262 22.58 -13.90 -9.62
C SER A 262 21.15 -14.32 -9.79
N THR A 263 20.48 -14.68 -8.70
CA THR A 263 19.02 -14.86 -8.76
C THR A 263 18.40 -14.53 -7.42
N TYR A 264 17.07 -14.59 -7.36
CA TYR A 264 16.35 -14.43 -6.11
C TYR A 264 16.51 -13.02 -5.51
N GLN A 265 16.53 -12.01 -6.33
CA GLN A 265 16.41 -10.66 -5.81
C GLN A 265 14.96 -10.44 -5.42
N ARG A 266 14.71 -10.05 -4.17
CA ARG A 266 13.32 -9.81 -3.66
C ARG A 266 12.29 -10.95 -3.92
N ASN A 267 12.64 -12.16 -3.55
CA ASN A 267 11.82 -13.31 -3.79
C ASN A 267 11.58 -14.04 -2.47
N THR A 268 11.23 -13.26 -1.44
CA THR A 268 11.07 -13.79 -0.09
C THR A 268 9.62 -13.93 0.28
N TRP A 269 9.37 -14.70 1.34
CA TRP A 269 8.04 -14.76 1.94
C TRP A 269 7.51 -13.39 2.24
N GLY A 270 8.38 -12.53 2.76
CA GLY A 270 7.93 -11.19 3.08
C GLY A 270 7.46 -10.42 1.87
N ASP A 271 8.12 -10.61 0.70
CA ASP A 271 7.73 -9.90 -0.52
C ASP A 271 6.38 -10.41 -0.93
N PHE A 272 6.18 -11.72 -0.76
CA PHE A 272 4.88 -12.32 -1.02
C PHE A 272 3.80 -11.70 -0.14
N LEU A 273 4.07 -11.56 1.15
CA LEU A 273 3.11 -10.92 2.08
C LEU A 273 2.85 -9.47 1.78
N GLU A 274 3.86 -8.72 1.38
CA GLU A 274 3.69 -7.31 0.96
C GLU A 274 2.62 -7.13 -0.15
N ALA A 275 2.58 -8.03 -1.12
CA ALA A 275 1.52 -7.94 -2.12
C ALA A 275 0.15 -8.50 -1.64
N ILE A 276 0.16 -9.42 -0.70
CA ILE A 276 -1.07 -10.04 -0.29
C ILE A 276 -1.88 -9.25 0.72
N LEU A 277 -1.21 -8.60 1.66
CA LEU A 277 -1.94 -7.97 2.77
C LEU A 277 -2.89 -6.86 2.33
N PRO A 278 -2.42 -5.90 1.52
CA PRO A 278 -3.37 -4.84 1.07
C PRO A 278 -4.61 -5.41 0.37
N LEU A 279 -4.43 -6.47 -0.39
CA LEU A 279 -5.59 -7.15 -1.04
C LEU A 279 -6.48 -7.89 -0.02
N ALA A 280 -5.85 -8.48 0.98
CA ALA A 280 -6.54 -9.20 2.04
C ALA A 280 -7.43 -8.28 2.83
N VAL A 281 -6.88 -7.14 3.20
CA VAL A 281 -7.62 -6.18 4.00
C VAL A 281 -8.81 -5.69 3.19
N GLN A 282 -8.58 -5.49 1.90
CA GLN A 282 -9.60 -4.95 1.07
C GLN A 282 -10.73 -6.00 0.99
N ALA A 283 -10.36 -7.26 0.80
CA ALA A 283 -11.36 -8.32 0.64
C ALA A 283 -12.14 -8.52 1.93
N ALA A 284 -11.46 -8.47 3.06
CA ALA A 284 -12.12 -8.60 4.38
C ALA A 284 -13.15 -7.52 4.59
N MET A 285 -12.80 -6.32 4.18
CA MET A 285 -13.64 -5.20 4.49
C MET A 285 -14.88 -5.29 3.61
N GLU A 286 -14.71 -5.85 2.43
CA GLU A 286 -15.81 -6.05 1.50
C GLU A 286 -16.73 -7.25 1.85
N GLU A 287 -16.19 -8.27 2.50
CA GLU A 287 -16.87 -9.54 2.65
C GLU A 287 -17.38 -9.80 4.04
N ASN A 288 -16.82 -9.12 5.02
CA ASN A 288 -17.15 -9.38 6.40
C ASN A 288 -17.34 -8.12 7.20
N VAL A 289 -18.56 -7.92 7.70
CA VAL A 289 -18.95 -6.68 8.36
C VAL A 289 -18.07 -6.38 9.59
N GLU A 290 -17.43 -7.38 10.20
CA GLU A 290 -16.64 -7.12 11.42
C GLU A 290 -15.47 -6.18 11.12
N PHE A 291 -14.95 -6.24 9.91
CA PHE A 291 -13.88 -5.36 9.48
C PHE A 291 -14.32 -3.96 9.12
N ARG A 292 -15.61 -3.75 9.08
CA ARG A 292 -16.19 -2.49 8.68
C ARG A 292 -16.77 -1.79 9.88
N ARG A 293 -16.71 -2.38 11.06
CA ARG A 293 -17.29 -1.74 12.27
C ARG A 293 -16.40 -0.60 12.72
N GLY A 294 -17.01 0.34 13.42
CA GLY A 294 -16.35 1.55 13.84
C GLY A 294 -15.33 1.32 14.94
N LEU A 295 -14.22 2.00 14.86
CA LEU A 295 -13.29 2.05 15.98
C LEU A 295 -14.05 2.65 17.17
N PRO A 296 -13.53 2.42 18.36
CA PRO A 296 -14.10 3.08 19.50
C PRO A 296 -13.98 4.57 19.35
N ARG A 297 -14.90 5.28 20.00
CA ARG A 297 -14.92 6.70 20.02
C ARG A 297 -13.78 7.36 20.71
N ASP A 298 -13.19 6.66 21.67
CA ASP A 298 -12.22 7.25 22.59
C ASP A 298 -10.92 6.52 22.65
N PHE A 299 -10.61 5.70 21.66
CA PHE A 299 -9.31 5.01 21.72
C PHE A 299 -8.06 5.89 21.75
N MET A 300 -8.19 7.14 21.32
CA MET A 300 -7.09 8.08 21.41
C MET A 300 -6.69 8.41 22.86
N ASP A 301 -7.56 8.15 23.84
CA ASP A 301 -7.18 8.40 25.23
C ASP A 301 -6.24 7.37 25.76
N TYR A 302 -6.05 6.26 25.05
CA TYR A 302 -5.17 5.28 25.58
C TYR A 302 -4.22 4.66 24.57
N MET A 303 -4.27 5.08 23.32
CA MET A 303 -3.34 4.56 22.32
C MET A 303 -2.58 5.72 21.73
N GLY A 304 -1.37 5.42 21.24
CA GLY A 304 -0.45 6.45 20.74
C GLY A 304 0.79 6.66 21.58
N ALA A 305 1.79 7.29 21.00
CA ALA A 305 3.06 7.51 21.72
C ALA A 305 2.83 8.16 23.10
N GLN A 306 1.93 9.14 23.19
CA GLN A 306 1.76 9.84 24.47
C GLN A 306 1.14 8.96 25.55
N HIS A 307 0.76 7.74 25.20
CA HIS A 307 0.09 6.87 26.16
C HIS A 307 0.81 5.57 26.31
N SER A 308 2.06 5.45 25.84
CA SER A 308 2.80 4.14 25.89
C SER A 308 2.98 3.53 27.32
N ASP A 309 2.72 4.29 28.38
CA ASP A 309 2.76 3.77 29.74
C ASP A 309 1.38 3.77 30.41
N SER A 310 0.32 3.95 29.62
CA SER A 310 -1.03 3.88 30.19
C SER A 310 -1.26 2.53 30.88
N LYS A 311 -1.85 2.61 32.07
CA LYS A 311 -2.25 1.40 32.79
C LYS A 311 -3.67 1.00 32.34
N ASP A 312 -4.36 1.84 31.56
CA ASP A 312 -5.76 1.58 31.12
C ASP A 312 -5.88 0.17 30.49
N PRO A 313 -6.71 -0.68 31.11
CA PRO A 313 -6.82 -2.04 30.58
C PRO A 313 -7.39 -2.10 29.13
N ARG A 314 -8.12 -1.08 28.71
CA ARG A 314 -8.53 -1.03 27.29
C ARG A 314 -7.33 -1.00 26.33
N ARG A 315 -6.22 -0.46 26.78
CA ARG A 315 -5.06 -0.40 25.88
C ARG A 315 -4.67 -1.79 25.46
N THR A 316 -4.59 -2.67 26.45
CA THR A 316 -4.24 -4.08 26.20
C THR A 316 -5.29 -4.76 25.35
N ALA A 317 -6.57 -4.52 25.64
CA ALA A 317 -7.62 -5.08 24.80
C ALA A 317 -7.46 -4.57 23.35
N PHE A 318 -7.12 -3.28 23.15
CA PHE A 318 -6.98 -2.72 21.76
C PHE A 318 -5.83 -3.41 20.99
N MET A 319 -4.70 -3.54 21.66
CA MET A 319 -3.50 -4.15 21.09
C MET A 319 -3.80 -5.56 20.66
N GLU A 320 -4.47 -6.29 21.53
CA GLU A 320 -4.81 -7.68 21.29
C GLU A 320 -5.82 -7.83 20.16
N LYS A 321 -6.78 -6.92 20.08
CA LYS A 321 -7.74 -6.95 18.99
C LYS A 321 -7.03 -6.71 17.65
N VAL A 322 -6.09 -5.76 17.62
CA VAL A 322 -5.40 -5.49 16.38
C VAL A 322 -4.63 -6.74 15.95
N ARG A 323 -3.92 -7.36 16.87
CA ARG A 323 -3.22 -8.62 16.60
C ARG A 323 -4.16 -9.69 16.05
N VAL A 324 -5.27 -9.90 16.73
CA VAL A 324 -6.14 -10.99 16.28
C VAL A 324 -6.71 -10.70 14.89
N LEU A 325 -6.96 -9.43 14.59
CA LEU A 325 -7.55 -9.09 13.29
C LEU A 325 -6.54 -9.30 12.16
N VAL A 326 -5.28 -8.98 12.43
CA VAL A 326 -4.21 -9.20 11.48
C VAL A 326 -4.13 -10.69 11.15
N ALA A 327 -4.11 -11.51 12.17
CA ALA A 327 -4.09 -12.95 11.98
C ALA A 327 -5.33 -13.45 11.18
N ARG A 328 -6.51 -12.93 11.49
CA ARG A 328 -7.73 -13.31 10.74
CA ARG A 328 -7.73 -13.32 10.75
C ARG A 328 -7.65 -12.91 9.28
N LEU A 329 -6.74 -11.99 8.94
CA LEU A 329 -6.63 -11.53 7.56
C LEU A 329 -6.15 -12.65 6.65
N GLY A 330 -5.41 -13.61 7.21
CA GLY A 330 -4.97 -14.76 6.43
C GLY A 330 -6.07 -15.43 5.64
N HIS A 331 -7.29 -15.50 6.18
CA HIS A 331 -8.41 -16.15 5.51
C HIS A 331 -8.75 -15.45 4.21
N PHE A 332 -8.58 -14.13 4.12
CA PHE A 332 -9.02 -13.40 2.93
C PHE A 332 -7.87 -13.15 1.95
N ALA A 333 -6.68 -13.70 2.22
CA ALA A 333 -5.50 -13.45 1.38
C ALA A 333 -5.62 -14.15 0.04
N PRO A 334 -5.62 -13.40 -1.06
CA PRO A 334 -5.80 -14.06 -2.35
C PRO A 334 -4.47 -14.63 -2.85
N VAL A 335 -4.10 -15.74 -2.28
CA VAL A 335 -2.79 -16.34 -2.51
C VAL A 335 -2.61 -16.68 -3.97
N ASP A 336 -3.67 -17.14 -4.59
CA ASP A 336 -3.56 -17.56 -6.01
C ASP A 336 -3.38 -16.40 -6.97
N ALA A 337 -4.10 -15.30 -6.71
CA ALA A 337 -4.09 -14.18 -7.62
C ALA A 337 -2.72 -13.49 -7.53
N VAL A 338 -2.15 -13.49 -6.31
CA VAL A 338 -0.83 -12.98 -6.11
C VAL A 338 0.24 -13.91 -6.72
N ALA A 339 0.07 -15.23 -6.65
CA ALA A 339 1.07 -16.13 -7.29
C ALA A 339 1.13 -15.77 -8.75
N ASP A 340 -0.04 -15.48 -9.29
CA ASP A 340 -0.19 -15.13 -10.70
C ASP A 340 0.47 -13.78 -11.06
N GLN A 341 0.26 -12.78 -10.21
CA GLN A 341 0.92 -11.48 -10.39
C GLN A 341 2.42 -11.67 -10.37
N ARG A 342 2.92 -12.47 -9.44
CA ARG A 342 4.36 -12.74 -9.40
C ARG A 342 4.80 -13.52 -10.61
N ALA A 343 3.92 -14.37 -11.13
CA ALA A 343 4.15 -15.09 -12.38
C ALA A 343 4.23 -14.09 -13.57
N LYS A 344 3.33 -13.10 -13.59
CA LYS A 344 3.34 -12.07 -14.64
C LYS A 344 4.62 -11.23 -14.55
N ASP A 345 5.01 -10.85 -13.35
CA ASP A 345 6.27 -10.10 -13.20
C ASP A 345 7.47 -10.91 -13.66
N PHE A 346 7.42 -12.22 -13.41
CA PHE A 346 8.54 -13.08 -13.72
C PHE A 346 8.64 -13.21 -15.24
N ILE A 347 7.49 -13.40 -15.91
CA ILE A 347 7.40 -13.35 -17.39
C ILE A 347 8.03 -12.08 -17.96
N HIS A 348 7.60 -10.94 -17.44
CA HIS A 348 8.15 -9.65 -17.80
C HIS A 348 9.65 -9.52 -17.57
N ASP A 349 10.15 -10.00 -16.42
CA ASP A 349 11.60 -9.97 -16.12
C ASP A 349 12.43 -10.99 -16.88
N SER A 350 11.80 -11.98 -17.49
CA SER A 350 12.52 -13.13 -18.01
C SER A 350 13.26 -12.71 -19.26
N LEU A 351 14.35 -13.43 -19.51
CA LEU A 351 14.97 -13.43 -20.83
C LEU A 351 14.07 -14.18 -21.80
N PRO A 352 14.07 -13.74 -23.07
CA PRO A 352 13.38 -14.53 -24.09
C PRO A 352 14.00 -15.89 -24.25
N PRO A 353 13.23 -16.87 -24.69
CA PRO A 353 13.67 -18.26 -24.67
C PRO A 353 14.74 -18.49 -25.71
N VAL A 354 15.52 -19.53 -25.53
CA VAL A 354 16.40 -20.04 -26.59
C VAL A 354 15.84 -21.36 -27.12
N LEU A 355 15.43 -21.37 -28.39
CA LEU A 355 14.80 -22.52 -29.00
C LEU A 355 15.80 -23.62 -29.33
N THR A 356 15.41 -24.88 -29.14
CA THR A 356 16.15 -26.01 -29.73
C THR A 356 15.88 -26.06 -31.23
N ASP A 357 16.75 -26.77 -31.97
CA ASP A 357 16.59 -26.98 -33.42
C ASP A 357 15.17 -27.47 -33.74
N ARG A 358 14.75 -28.52 -33.01
CA ARG A 358 13.41 -29.10 -33.19
C ARG A 358 12.32 -28.04 -32.91
N GLU A 359 12.47 -27.26 -31.84
CA GLU A 359 11.47 -26.22 -31.55
C GLU A 359 11.37 -25.19 -32.68
N ARG A 360 12.52 -24.75 -33.18
CA ARG A 360 12.53 -23.76 -34.26
C ARG A 360 11.78 -24.32 -35.47
N ALA A 361 12.12 -25.54 -35.85
CA ALA A 361 11.62 -26.15 -37.09
C ALA A 361 10.13 -26.48 -37.02
N LEU A 362 9.65 -26.76 -35.82
CA LEU A 362 8.22 -27.11 -35.66
C LEU A 362 7.33 -25.90 -35.30
N SER A 363 7.85 -24.68 -35.42
CA SER A 363 7.07 -23.51 -35.04
C SER A 363 7.04 -22.42 -36.13
N VAL A 364 6.33 -21.33 -35.84
CA VAL A 364 6.24 -20.23 -36.76
C VAL A 364 7.65 -19.71 -37.10
N TYR A 365 8.59 -19.82 -36.16
CA TYR A 365 9.93 -19.29 -36.43
C TYR A 365 10.67 -20.00 -37.58
N GLY A 366 10.41 -21.28 -37.79
CA GLY A 366 11.14 -22.07 -38.78
C GLY A 366 10.32 -22.40 -40.01
N LEU A 367 9.16 -21.78 -40.12
CA LEU A 367 8.26 -22.04 -41.24
C LEU A 367 8.93 -21.50 -42.52
N PRO A 368 9.25 -22.35 -43.50
CA PRO A 368 9.95 -21.75 -44.64
C PRO A 368 9.00 -21.02 -45.57
N ILE A 369 9.52 -19.99 -46.24
CA ILE A 369 8.77 -19.29 -47.27
C ILE A 369 9.29 -19.75 -48.64
N ARG A 370 8.40 -20.06 -49.58
CA ARG A 370 8.82 -20.35 -50.96
C ARG A 370 8.86 -19.04 -51.80
N TRP A 371 9.96 -18.85 -52.54
CA TRP A 371 10.17 -17.69 -53.43
C TRP A 371 10.25 -18.05 -54.91
N GLU A 372 9.39 -17.42 -55.71
CA GLU A 372 9.29 -17.68 -57.15
C GLU A 372 9.34 -16.33 -57.85
N ALA A 373 10.38 -16.14 -58.65
CA ALA A 373 10.60 -14.90 -59.36
C ALA A 373 10.39 -13.70 -58.45
N GLY A 374 11.09 -13.66 -57.31
CA GLY A 374 11.08 -12.50 -56.42
C GLY A 374 9.85 -12.28 -55.54
N GLU A 375 8.90 -13.23 -55.56
CA GLU A 375 7.66 -13.11 -54.80
C GLU A 375 7.50 -14.34 -53.87
N PRO A 376 6.80 -14.20 -52.73
CA PRO A 376 6.55 -15.36 -51.86
C PRO A 376 5.28 -16.18 -52.23
N VAL A 377 5.25 -17.50 -51.99
CA VAL A 377 4.03 -18.32 -52.18
C VAL A 377 3.97 -19.55 -51.24
N GLY A 380 2.47 -20.35 -46.74
CA GLY A 380 2.31 -21.16 -45.51
C GLY A 380 1.42 -22.40 -45.67
N ALA A 381 0.69 -22.77 -44.61
CA ALA A 381 -0.38 -23.80 -44.64
C ALA A 381 -1.15 -23.83 -43.32
N GLN A 382 -2.47 -23.64 -43.36
CA GLN A 382 -3.27 -23.49 -42.14
C GLN A 382 -3.23 -24.73 -41.23
N LEU A 383 -3.55 -24.54 -39.96
CA LEU A 383 -3.67 -25.62 -38.97
C LEU A 383 -5.00 -26.30 -39.26
N THR A 384 -5.11 -27.58 -38.91
CA THR A 384 -6.37 -28.30 -39.04
C THR A 384 -6.70 -28.97 -37.72
N THR A 385 -7.90 -29.54 -37.64
CA THR A 385 -8.33 -30.29 -36.47
C THR A 385 -7.52 -31.55 -36.24
N GLU A 386 -6.74 -31.95 -37.25
CA GLU A 386 -5.89 -33.14 -37.16
C GLU A 386 -4.44 -32.77 -36.74
N THR A 387 -4.06 -31.50 -36.85
CA THR A 387 -2.76 -31.03 -36.36
C THR A 387 -2.54 -31.33 -34.85
N GLU A 388 -1.39 -31.92 -34.53
CA GLU A 388 -1.05 -32.21 -33.14
C GLU A 388 -0.14 -31.10 -32.59
N VAL A 389 -0.49 -30.56 -31.42
CA VAL A 389 0.20 -29.38 -30.89
C VAL A 389 0.62 -29.53 -29.44
N HIS A 390 1.58 -28.70 -29.05
CA HIS A 390 1.80 -28.35 -27.65
C HIS A 390 2.54 -27.04 -27.55
N MET A 391 2.61 -26.50 -26.34
CA MET A 391 3.27 -25.21 -26.09
C MET A 391 4.72 -25.29 -26.58
N LEU A 392 5.22 -24.18 -27.12
CA LEU A 392 6.55 -24.14 -27.65
C LEU A 392 7.58 -24.55 -26.59
N GLN A 393 7.40 -24.07 -25.36
CA GLN A 393 8.22 -24.44 -24.19
C GLN A 393 7.33 -24.24 -22.95
N ASP A 394 7.83 -24.65 -21.79
CA ASP A 394 7.01 -24.73 -20.60
C ASP A 394 7.03 -23.43 -19.80
N GLY A 395 7.98 -22.57 -20.07
CA GLY A 395 8.21 -21.43 -19.22
C GLY A 395 8.07 -20.11 -19.95
N ILE A 396 7.25 -20.07 -21.00
CA ILE A 396 7.15 -18.88 -21.82
C ILE A 396 5.84 -18.14 -21.67
N ALA A 397 4.86 -18.76 -21.01
CA ALA A 397 3.52 -18.18 -20.93
C ALA A 397 2.85 -18.39 -19.60
N ARG A 398 1.90 -17.52 -19.27
CA ARG A 398 1.13 -17.62 -18.00
C ARG A 398 -0.28 -17.02 -18.15
N LEU A 399 -1.29 -17.76 -17.69
CA LEU A 399 -2.65 -17.29 -17.78
C LEU A 399 -2.91 -16.48 -16.52
N VAL A 400 -3.42 -15.28 -16.69
CA VAL A 400 -3.69 -14.41 -15.57
C VAL A 400 -5.04 -13.77 -15.72
N GLY A 401 -5.86 -13.89 -14.69
CA GLY A 401 -7.14 -13.18 -14.59
C GLY A 401 -6.90 -11.80 -14.01
N GLU A 402 -7.42 -10.79 -14.69
CA GLU A 402 -7.26 -9.41 -14.23
C GLU A 402 -8.52 -8.65 -14.65
N GLY A 403 -9.15 -7.99 -13.68
CA GLY A 403 -10.39 -7.22 -13.94
C GLY A 403 -11.53 -7.97 -14.62
N GLY A 404 -11.68 -9.26 -14.31
CA GLY A 404 -12.69 -10.07 -14.98
C GLY A 404 -12.37 -10.46 -16.42
N HIS A 405 -11.20 -10.09 -16.94
CA HIS A 405 -10.76 -10.63 -18.24
C HIS A 405 -9.68 -11.67 -18.02
N LEU A 406 -9.32 -12.41 -19.07
CA LEU A 406 -8.21 -13.39 -19.00
C LEU A 406 -7.17 -13.09 -20.06
N PHE A 407 -5.91 -13.03 -19.61
CA PHE A 407 -4.80 -12.66 -20.46
C PHE A 407 -3.70 -13.68 -20.40
N LEU A 408 -3.13 -14.01 -21.55
CA LEU A 408 -1.97 -14.87 -21.62
C LEU A 408 -0.76 -13.95 -21.80
N TYR A 409 0.03 -13.79 -20.73
CA TYR A 409 1.32 -13.08 -20.82
C TYR A 409 2.40 -14.05 -21.27
N TYR A 410 3.35 -13.58 -22.08
CA TYR A 410 4.37 -14.44 -22.66
C TYR A 410 5.71 -13.75 -22.75
N THR A 411 6.78 -14.54 -22.91
CA THR A 411 8.15 -14.01 -22.95
C THR A 411 8.79 -13.87 -24.33
N VAL A 412 8.11 -14.38 -25.36
CA VAL A 412 8.78 -14.59 -26.65
C VAL A 412 9.11 -13.33 -27.41
N GLU A 413 8.59 -12.20 -26.95
CA GLU A 413 8.97 -10.92 -27.55
C GLU A 413 9.80 -10.08 -26.58
N ASN A 414 10.27 -10.68 -25.48
CA ASN A 414 11.09 -9.93 -24.54
C ASN A 414 12.44 -9.65 -25.16
N SER A 415 13.05 -8.55 -24.76
CA SER A 415 14.41 -8.26 -25.20
C SER A 415 15.41 -8.86 -24.22
N ARG A 416 16.66 -9.03 -24.64
CA ARG A 416 17.73 -9.48 -23.73
C ARG A 416 18.21 -8.38 -22.77
N VAL A 417 17.74 -7.17 -23.00
CA VAL A 417 17.94 -6.09 -22.02
C VAL A 417 16.77 -6.08 -21.00
N TYR A 418 17.12 -6.10 -19.72
CA TYR A 418 16.14 -6.14 -18.63
C TYR A 418 15.08 -5.02 -18.78
N HIS A 419 13.82 -5.43 -19.03
CA HIS A 419 12.66 -4.50 -19.01
C HIS A 419 12.74 -3.45 -20.11
N LEU A 420 13.49 -3.73 -21.18
CA LEU A 420 13.44 -2.84 -22.34
C LEU A 420 11.99 -2.83 -22.89
N GLU A 421 11.41 -4.02 -23.05
CA GLU A 421 10.01 -4.15 -23.49
C GLU A 421 9.00 -4.14 -22.27
N GLU A 422 7.84 -3.47 -22.43
CA GLU A 422 6.70 -3.53 -21.44
C GLU A 422 6.06 -4.94 -21.42
N PRO A 423 5.20 -5.24 -20.42
CA PRO A 423 4.64 -6.61 -20.44
C PRO A 423 3.75 -6.86 -21.67
N LYS A 424 3.82 -8.08 -22.20
CA LYS A 424 3.23 -8.41 -23.47
C LYS A 424 2.24 -9.60 -23.25
N CYS A 425 1.01 -9.44 -23.73
CA CYS A 425 -0.03 -10.44 -23.51
C CYS A 425 -1.02 -10.41 -24.64
N LEU A 426 -1.84 -11.44 -24.69
CA LEU A 426 -2.96 -11.43 -25.58
C LEU A 426 -4.19 -11.89 -24.80
N GLU A 427 -5.36 -11.37 -25.18
CA GLU A 427 -6.58 -11.74 -24.47
C GLU A 427 -7.03 -13.15 -24.83
N ILE A 428 -7.41 -13.92 -23.82
CA ILE A 428 -7.96 -15.26 -24.00
C ILE A 428 -9.44 -15.26 -23.63
N TYR A 429 -10.29 -15.53 -24.62
CA TYR A 429 -11.71 -15.43 -24.43
C TYR A 429 -12.26 -16.61 -23.64
N PRO A 430 -13.31 -16.36 -22.84
CA PRO A 430 -13.86 -17.35 -21.92
C PRO A 430 -14.12 -18.73 -22.54
N GLN A 431 -14.53 -18.76 -23.81
CA GLN A 431 -14.83 -20.03 -24.49
C GLN A 431 -13.59 -20.79 -24.90
N GLN A 432 -12.42 -20.22 -24.64
CA GLN A 432 -11.15 -20.85 -24.95
C GLN A 432 -10.36 -21.18 -23.70
N ALA A 433 -10.85 -20.74 -22.55
CA ALA A 433 -10.12 -20.82 -21.29
C ALA A 433 -9.71 -22.25 -20.92
N ASP A 434 -10.60 -23.21 -21.10
CA ASP A 434 -10.31 -24.60 -20.70
C ASP A 434 -9.29 -25.21 -21.63
N ALA A 435 -9.37 -24.84 -22.91
CA ALA A 435 -8.44 -25.32 -23.91
C ALA A 435 -7.05 -24.78 -23.57
N MET A 436 -7.01 -23.50 -23.23
CA MET A 436 -5.75 -22.86 -22.92
C MET A 436 -5.13 -23.54 -21.71
N GLU A 437 -5.93 -23.80 -20.66
CA GLU A 437 -5.42 -24.48 -19.43
C GLU A 437 -4.91 -25.88 -19.71
N LEU A 438 -5.65 -26.61 -20.52
CA LEU A 438 -5.22 -27.92 -20.93
C LEU A 438 -3.84 -27.79 -21.57
N LEU A 439 -3.67 -26.82 -22.48
CA LEU A 439 -2.39 -26.70 -23.19
C LEU A 439 -1.24 -26.37 -22.22
N LEU A 440 -1.48 -25.46 -21.27
CA LEU A 440 -0.43 -25.09 -20.32
C LEU A 440 -0.10 -26.27 -19.39
N GLY A 441 -1.13 -27.01 -18.97
CA GLY A 441 -0.94 -28.11 -18.04
C GLY A 441 -0.48 -29.43 -18.63
N SER A 442 -0.50 -29.60 -19.94
CA SER A 442 -0.20 -30.91 -20.52
C SER A 442 1.13 -30.94 -21.30
N TYR A 443 1.91 -29.87 -21.24
CA TYR A 443 3.22 -29.84 -21.90
C TYR A 443 4.12 -30.93 -21.29
N PRO A 444 4.94 -31.62 -22.11
CA PRO A 444 5.18 -31.57 -23.54
C PRO A 444 4.34 -32.57 -24.38
N GLU A 445 3.17 -32.96 -23.92
CA GLU A 445 2.36 -33.96 -24.64
C GLU A 445 1.57 -33.30 -25.73
N PHE A 446 1.60 -33.92 -26.89
CA PHE A 446 0.82 -33.44 -28.04
C PHE A 446 -0.66 -33.65 -27.85
N VAL A 447 -1.45 -32.66 -28.25
CA VAL A 447 -2.92 -32.72 -28.29
C VAL A 447 -3.41 -32.35 -29.68
N ARG A 448 -4.45 -33.05 -30.19
CA ARG A 448 -4.99 -32.75 -31.53
C ARG A 448 -5.82 -31.53 -31.34
N VAL A 449 -5.71 -30.61 -32.29
CA VAL A 449 -6.50 -29.41 -32.22
C VAL A 449 -7.97 -29.81 -32.08
N GLY A 450 -8.40 -30.79 -32.86
CA GLY A 450 -9.76 -31.33 -32.74
C GLY A 450 -10.16 -31.92 -31.38
N ASP A 451 -9.20 -32.20 -30.51
CA ASP A 451 -9.49 -32.64 -29.12
C ASP A 451 -9.59 -31.48 -28.11
N LEU A 452 -9.25 -30.27 -28.50
CA LEU A 452 -9.23 -29.17 -27.56
C LEU A 452 -10.63 -28.93 -27.10
N PRO A 453 -10.82 -28.76 -25.79
CA PRO A 453 -12.14 -28.61 -25.19
C PRO A 453 -12.67 -27.19 -25.31
N CYS A 454 -12.89 -26.71 -26.53
CA CYS A 454 -13.48 -25.40 -26.76
C CYS A 454 -14.96 -25.65 -27.14
N ASP A 455 -15.77 -24.62 -27.20
CA ASP A 455 -17.19 -24.82 -27.54
C ASP A 455 -17.39 -25.36 -29.01
N SER A 456 -16.67 -24.79 -29.99
CA SER A 456 -16.87 -25.09 -31.43
C SER A 456 -15.58 -25.49 -32.11
N VAL A 457 -15.69 -26.04 -33.31
CA VAL A 457 -14.52 -26.31 -34.15
C VAL A 457 -13.77 -25.04 -34.52
N GLU A 458 -14.50 -23.96 -34.79
CA GLU A 458 -13.84 -22.69 -35.14
C GLU A 458 -12.99 -22.14 -34.00
N ASP A 459 -13.50 -22.22 -32.77
CA ASP A 459 -12.71 -21.91 -31.57
C ASP A 459 -11.44 -22.74 -31.36
N GLN A 460 -11.49 -24.04 -31.66
CA GLN A 460 -10.29 -24.89 -31.56
C GLN A 460 -9.23 -24.32 -32.48
N LEU A 461 -9.64 -24.02 -33.71
CA LEU A 461 -8.74 -23.57 -34.75
C LEU A 461 -8.25 -22.17 -34.48
N SER A 462 -9.13 -21.30 -34.01
CA SER A 462 -8.76 -19.90 -33.84
C SER A 462 -7.75 -19.78 -32.70
N LEU A 463 -8.03 -20.44 -31.58
CA LEU A 463 -7.11 -20.47 -30.46
C LEU A 463 -5.75 -21.01 -30.88
N ALA A 464 -5.74 -22.18 -31.53
CA ALA A 464 -4.47 -22.80 -31.98
C ALA A 464 -3.71 -21.91 -32.93
N THR A 465 -4.42 -21.27 -33.85
CA THR A 465 -3.79 -20.43 -34.85
C THR A 465 -3.28 -19.14 -34.22
N THR A 466 -4.06 -18.50 -33.37
CA THR A 466 -3.56 -17.36 -32.60
C THR A 466 -2.23 -17.70 -31.91
N LEU A 467 -2.19 -18.81 -31.18
CA LEU A 467 -1.01 -19.15 -30.37
C LEU A 467 0.17 -19.48 -31.26
N TYR A 468 -0.09 -20.21 -32.35
CA TYR A 468 0.97 -20.58 -33.26
C TYR A 468 1.59 -19.36 -33.95
N ASP A 469 0.75 -18.48 -34.47
CA ASP A 469 1.22 -17.31 -35.23
C ASP A 469 2.02 -16.36 -34.34
N LYS A 470 1.76 -16.40 -33.05
CA LYS A 470 2.45 -15.59 -32.07
C LYS A 470 3.75 -16.20 -31.53
N GLY A 471 4.06 -17.44 -31.91
CA GLY A 471 5.29 -18.14 -31.50
C GLY A 471 5.16 -18.91 -30.20
N LEU A 472 3.96 -19.38 -29.89
CA LEU A 472 3.69 -19.95 -28.58
C LEU A 472 3.36 -21.43 -28.62
N LEU A 473 3.32 -21.99 -29.82
CA LEU A 473 2.85 -23.36 -30.00
C LEU A 473 3.71 -24.00 -31.07
N LEU A 474 4.04 -25.27 -30.92
CA LEU A 474 4.64 -26.03 -32.03
C LEU A 474 3.69 -27.16 -32.51
N THR A 475 3.92 -27.63 -33.73
CA THR A 475 3.16 -28.75 -34.30
C THR A 475 4.06 -29.96 -34.36
N LYS A 476 3.46 -31.16 -34.43
CA LYS A 476 4.22 -32.42 -34.40
C LYS A 476 5.05 -32.58 -35.66
N MET A 477 4.44 -32.22 -36.81
CA MET A 477 5.12 -32.16 -38.10
C MET A 477 4.99 -30.71 -38.60
N PRO A 478 6.04 -30.20 -39.28
CA PRO A 478 5.91 -28.82 -39.81
C PRO A 478 4.70 -28.64 -40.75
N LEU A 479 4.18 -27.42 -40.83
CA LEU A 479 3.06 -27.07 -41.71
C LEU A 479 3.46 -26.66 -43.16
N ALA A 480 4.77 -26.53 -43.40
CA ALA A 480 5.30 -26.33 -44.75
C ALA A 480 6.74 -26.90 -44.78
N LEU A 481 7.30 -27.09 -45.99
CA LEU A 481 8.61 -27.77 -46.24
C LEU A 481 9.45 -27.06 -47.35
N ASN A 482 10.80 -27.21 -47.38
CA ASN A 482 11.61 -26.73 -48.55
C ASN A 482 11.31 -27.48 -49.87
N TRP B 22 -36.05 34.01 22.37
CA TRP B 22 -34.82 34.09 23.23
C TRP B 22 -34.42 32.79 23.90
N ASP B 23 -35.37 31.95 24.36
CA ASP B 23 -35.05 30.93 25.40
C ASP B 23 -35.51 29.46 25.19
N SER B 24 -34.73 28.70 24.43
CA SER B 24 -35.13 27.37 24.02
C SER B 24 -34.30 26.33 24.76
N PRO B 25 -34.70 25.08 24.65
CA PRO B 25 -33.82 24.10 25.27
C PRO B 25 -32.38 24.10 24.71
N LEU B 26 -32.21 24.40 23.42
CA LEU B 26 -30.86 24.49 22.86
C LEU B 26 -30.11 25.67 23.47
N ARG B 27 -30.78 26.80 23.67
CA ARG B 27 -30.02 27.94 24.22
C ARG B 27 -29.68 27.69 25.68
N ARG B 28 -30.60 27.02 26.38
CA ARG B 28 -30.35 26.70 27.79
CA ARG B 28 -30.39 26.68 27.80
C ARG B 28 -29.17 25.76 27.92
N VAL B 29 -29.11 24.74 27.06
CA VAL B 29 -28.01 23.78 27.20
C VAL B 29 -26.67 24.36 26.79
N LEU B 30 -26.66 25.25 25.83
CA LEU B 30 -25.41 25.93 25.51
C LEU B 30 -24.95 26.84 26.63
N ALA B 31 -25.89 27.48 27.37
CA ALA B 31 -25.51 28.32 28.50
C ALA B 31 -24.90 27.45 29.60
N GLU B 32 -25.55 26.31 29.86
CA GLU B 32 -25.02 25.31 30.81
C GLU B 32 -23.61 24.90 30.44
N LEU B 33 -23.36 24.63 29.14
CA LEU B 33 -22.03 24.18 28.71
C LEU B 33 -20.99 25.25 29.04
N ASN B 34 -21.37 26.52 28.89
CA ASN B 34 -20.47 27.63 29.16
C ASN B 34 -19.95 27.60 30.63
N ARG B 35 -20.71 26.96 31.54
CA ARG B 35 -20.30 26.84 32.97
C ARG B 35 -19.62 25.51 33.32
N ILE B 36 -19.55 24.55 32.40
CA ILE B 36 -18.88 23.27 32.68
C ILE B 36 -17.42 23.49 32.32
N PRO B 37 -16.56 23.43 33.30
CA PRO B 37 -15.17 23.76 33.02
C PRO B 37 -14.44 22.82 32.01
N SER B 38 -14.79 21.54 31.99
CA SER B 38 -14.13 20.55 31.15
C SER B 38 -14.76 20.38 29.78
N SER B 39 -13.95 20.48 28.74
CA SER B 39 -14.44 20.26 27.40
C SER B 39 -14.99 18.82 27.18
N ARG B 40 -14.38 17.85 27.82
CA ARG B 40 -14.80 16.44 27.75
C ARG B 40 -16.19 16.28 28.30
N ARG B 41 -16.39 16.86 29.46
CA ARG B 41 -17.71 16.79 30.07
C ARG B 41 -18.74 17.52 29.23
N ARG B 42 -18.35 18.64 28.62
CA ARG B 42 -19.29 19.38 27.80
C ARG B 42 -19.78 18.56 26.65
N ALA B 43 -18.83 17.86 26.03
CA ALA B 43 -19.14 17.05 24.88
C ALA B 43 -20.13 15.96 25.29
N ALA B 44 -19.91 15.29 26.42
CA ALA B 44 -20.77 14.20 26.83
C ALA B 44 -22.16 14.72 27.11
N ARG B 45 -22.24 15.86 27.81
CA ARG B 45 -23.52 16.48 28.14
C ARG B 45 -24.31 16.92 26.91
N LEU B 46 -23.61 17.48 25.91
CA LEU B 46 -24.31 17.87 24.71
C LEU B 46 -24.89 16.66 23.99
N PHE B 47 -24.16 15.54 23.98
CA PHE B 47 -24.63 14.35 23.26
C PHE B 47 -25.82 13.79 24.02
N GLU B 48 -25.72 13.82 25.33
CA GLU B 48 -26.85 13.44 26.19
C GLU B 48 -28.09 14.26 25.89
N TRP B 49 -27.91 15.55 25.79
CA TRP B 49 -29.02 16.41 25.41
C TRP B 49 -29.56 16.10 24.03
N LEU B 50 -28.69 15.80 23.09
CA LEU B 50 -29.12 15.58 21.70
C LEU B 50 -30.07 14.40 21.55
N ILE B 51 -29.84 13.32 22.29
CA ILE B 51 -30.73 12.18 22.21
C ILE B 51 -31.67 12.05 23.42
N ALA B 52 -31.72 13.05 24.30
CA ALA B 52 -32.58 12.96 25.50
C ALA B 52 -33.94 12.54 25.04
N PRO B 53 -34.58 11.59 25.74
CA PRO B 53 -34.18 10.97 27.02
C PRO B 53 -33.54 9.60 26.90
N MET B 54 -33.27 9.20 25.69
CA MET B 54 -32.40 8.02 25.40
C MET B 54 -31.06 8.16 26.16
N PRO B 55 -30.71 7.20 27.04
CA PRO B 55 -29.39 7.24 27.68
C PRO B 55 -28.27 6.87 26.73
N PRO B 56 -27.19 7.67 26.72
CA PRO B 56 -26.09 7.49 25.77
C PRO B 56 -25.45 6.15 25.92
N ASP B 57 -25.42 5.69 27.14
CA ASP B 57 -24.85 4.40 27.47
C ASP B 57 -25.62 3.29 26.72
N HIS B 58 -26.95 3.29 26.84
CA HIS B 58 -27.77 2.35 26.06
C HIS B 58 -27.59 2.60 24.58
N PHE B 59 -27.59 3.86 24.16
CA PHE B 59 -27.47 4.18 22.74
C PHE B 59 -26.20 3.60 22.17
N TYR B 60 -25.07 3.82 22.82
CA TYR B 60 -23.83 3.35 22.24
C TYR B 60 -23.66 1.85 22.37
N ARG B 61 -24.21 1.23 23.42
CA ARG B 61 -24.09 -0.23 23.55
C ARG B 61 -24.97 -1.01 22.57
N ARG B 62 -26.20 -0.58 22.36
CA ARG B 62 -27.19 -1.40 21.63
C ARG B 62 -27.64 -0.87 20.27
N LEU B 63 -27.66 0.43 20.09
CA LEU B 63 -28.28 1.04 18.92
C LEU B 63 -27.29 1.53 17.83
N TRP B 64 -26.22 2.15 18.27
CA TRP B 64 -25.24 2.73 17.39
C TRP B 64 -24.68 1.73 16.46
N GLU B 65 -24.58 2.07 15.19
CA GLU B 65 -24.08 1.16 14.16
C GLU B 65 -24.94 -0.10 13.93
N ARG B 66 -26.13 -0.15 14.55
CA ARG B 66 -26.96 -1.34 14.55
C ARG B 66 -28.43 -1.10 14.10
N GLU B 67 -29.05 -0.01 14.57
CA GLU B 67 -30.46 0.20 14.42
C GLU B 67 -30.79 1.61 14.03
N ALA B 68 -31.81 1.77 13.21
CA ALA B 68 -32.46 3.06 13.07
C ALA B 68 -33.20 3.41 14.38
N VAL B 69 -33.21 4.68 14.78
CA VAL B 69 -33.79 5.07 16.04
C VAL B 69 -34.47 6.40 15.87
N LEU B 70 -35.65 6.50 16.41
CA LEU B 70 -36.44 7.71 16.34
C LEU B 70 -36.62 8.26 17.73
N VAL B 71 -36.32 9.52 17.97
CA VAL B 71 -36.71 10.11 19.25
C VAL B 71 -37.82 11.12 19.03
N ARG B 72 -39.00 10.78 19.53
CA ARG B 72 -40.15 11.69 19.52
C ARG B 72 -40.07 12.66 20.65
N ARG B 73 -39.64 13.88 20.38
CA ARG B 73 -39.34 14.79 21.45
C ARG B 73 -40.52 15.41 22.16
N GLN B 74 -41.64 15.58 21.45
CA GLN B 74 -42.83 16.22 22.03
C GLN B 74 -42.49 17.61 22.53
N ASP B 75 -41.72 18.31 21.71
CA ASP B 75 -41.27 19.66 22.00
C ASP B 75 -40.75 20.32 20.74
N HIS B 76 -41.61 21.12 20.16
CA HIS B 76 -41.32 21.76 18.90
C HIS B 76 -40.20 22.77 19.04
N THR B 77 -39.87 23.20 20.25
CA THR B 77 -38.87 24.27 20.40
C THR B 77 -37.47 23.77 20.66
N TYR B 78 -37.32 22.44 20.74
CA TYR B 78 -36.08 21.86 21.25
C TYR B 78 -34.81 22.46 20.64
N TYR B 79 -34.80 22.64 19.33
CA TYR B 79 -33.57 23.05 18.56
C TYR B 79 -33.47 24.53 18.20
N GLN B 80 -34.45 25.29 18.62
CA GLN B 80 -34.53 26.69 18.26
C GLN B 80 -33.31 27.51 18.56
N GLY B 81 -32.81 28.21 17.53
CA GLY B 81 -31.54 28.92 17.57
C GLY B 81 -30.41 28.20 16.82
N LEU B 82 -30.55 26.92 16.49
CA LEU B 82 -29.45 26.20 15.78
C LEU B 82 -29.37 26.69 14.34
N PHE B 83 -30.47 26.65 13.64
CA PHE B 83 -30.49 27.12 12.27
C PHE B 83 -31.93 27.29 11.80
N SER B 84 -32.16 28.23 10.90
CA SER B 84 -33.52 28.51 10.46
C SER B 84 -33.43 28.93 9.00
N THR B 85 -34.58 29.01 8.36
CA THR B 85 -34.66 29.47 7.00
C THR B 85 -34.23 30.89 6.92
N ALA B 86 -34.56 31.67 7.95
CA ALA B 86 -34.10 33.06 8.00
C ALA B 86 -32.55 33.11 7.98
N ASP B 87 -31.89 32.20 8.69
CA ASP B 87 -30.39 32.12 8.69
C ASP B 87 -29.87 31.80 7.28
N LEU B 88 -30.57 30.91 6.58
CA LEU B 88 -30.15 30.54 5.22
C LEU B 88 -30.19 31.76 4.33
N ASP B 89 -31.31 32.49 4.39
CA ASP B 89 -31.52 33.70 3.55
C ASP B 89 -30.43 34.73 3.79
N SER B 90 -30.29 35.05 5.03
CA SER B 90 -29.23 35.92 5.42
C SER B 90 -27.82 35.51 4.96
N MET B 91 -27.48 34.24 5.08
CA MET B 91 -26.12 33.78 4.70
CA MET B 91 -26.11 33.85 4.70
C MET B 91 -25.91 33.86 3.18
N LEU B 92 -26.98 33.58 2.42
CA LEU B 92 -26.95 33.74 0.96
C LEU B 92 -26.70 35.21 0.58
N ARG B 93 -27.32 36.12 1.32
CA ARG B 93 -27.17 37.55 1.08
C ARG B 93 -25.83 38.09 1.57
N ASN B 94 -25.35 37.63 2.71
CA ASN B 94 -24.20 38.30 3.33
C ASN B 94 -22.88 37.62 3.14
N GLU B 95 -22.88 36.36 2.75
CA GLU B 95 -21.63 35.60 2.52
C GLU B 95 -21.51 35.11 1.06
N GLU B 96 -20.33 34.70 0.66
CA GLU B 96 -20.01 34.25 -0.69
C GLU B 96 -20.34 32.75 -0.78
N VAL B 97 -21.63 32.42 -0.84
CA VAL B 97 -22.09 31.02 -0.97
C VAL B 97 -22.20 30.64 -2.45
N GLN B 98 -21.42 29.64 -2.88
CA GLN B 98 -21.36 29.16 -4.25
C GLN B 98 -22.20 27.90 -4.45
N PHE B 99 -22.85 27.79 -5.60
CA PHE B 99 -23.42 26.55 -6.04
C PHE B 99 -22.33 25.51 -6.25
N GLY B 100 -22.63 24.27 -5.89
CA GLY B 100 -21.70 23.17 -6.09
C GLY B 100 -20.82 23.10 -4.85
N GLN B 101 -20.03 24.13 -4.63
CA GLN B 101 -19.09 24.08 -3.58
C GLN B 101 -19.83 24.11 -2.26
N HIS B 102 -20.84 24.96 -2.11
CA HIS B 102 -21.52 25.05 -0.84
C HIS B 102 -22.99 24.72 -0.85
N LEU B 103 -23.70 24.92 -1.95
CA LEU B 103 -25.17 24.77 -1.96
C LEU B 103 -25.59 24.01 -3.19
N ASP B 104 -26.47 23.03 -3.07
CA ASP B 104 -27.05 22.39 -4.28
C ASP B 104 -28.54 22.65 -4.30
N ALA B 105 -29.06 22.67 -5.51
CA ALA B 105 -30.47 22.83 -5.75
C ALA B 105 -30.78 21.56 -6.48
N ALA B 106 -31.67 20.77 -5.91
CA ALA B 106 -31.95 19.46 -6.42
C ALA B 106 -33.43 19.13 -6.37
N ARG B 107 -33.86 18.31 -7.31
CA ARG B 107 -35.25 17.78 -7.37
C ARG B 107 -35.23 16.37 -7.74
N TYR B 108 -36.17 15.64 -7.17
CA TYR B 108 -36.40 14.26 -7.52
C TYR B 108 -37.78 14.28 -8.14
N ILE B 109 -37.84 14.02 -9.44
CA ILE B 109 -39.04 14.31 -10.22
C ILE B 109 -39.14 13.30 -11.36
N ASN B 110 -40.30 12.64 -11.48
CA ASN B 110 -40.49 11.68 -12.57
C ASN B 110 -39.45 10.58 -12.42
N GLY B 111 -39.21 10.19 -11.18
CA GLY B 111 -38.22 9.18 -10.82
C GLY B 111 -36.76 9.47 -11.11
N ARG B 112 -36.37 10.70 -11.33
CA ARG B 112 -34.95 10.96 -11.58
C ARG B 112 -34.47 12.12 -10.68
N ARG B 113 -33.24 12.01 -10.20
CA ARG B 113 -32.59 13.13 -9.49
C ARG B 113 -32.10 14.10 -10.52
N GLU B 114 -32.50 15.36 -10.40
CA GLU B 114 -31.92 16.45 -11.21
C GLU B 114 -31.12 17.37 -10.31
N THR B 115 -30.00 17.89 -10.83
CA THR B 115 -29.29 18.96 -10.17
C THR B 115 -29.46 20.14 -11.05
N LEU B 116 -30.01 21.21 -10.50
CA LEU B 116 -30.25 22.42 -11.26
C LEU B 116 -29.26 23.55 -10.92
N ASN B 117 -28.07 23.22 -10.42
CA ASN B 117 -27.08 24.22 -9.99
C ASN B 117 -26.55 25.00 -11.18
N PRO B 118 -26.94 26.29 -11.31
CA PRO B 118 -26.15 27.12 -12.21
C PRO B 118 -24.77 27.33 -11.61
N PRO B 119 -23.75 27.62 -12.42
CA PRO B 119 -22.46 27.92 -11.80
C PRO B 119 -22.43 29.31 -11.15
N GLY B 120 -21.50 29.47 -10.21
CA GLY B 120 -21.25 30.75 -9.56
C GLY B 120 -21.97 30.96 -8.26
N ARG B 121 -22.12 32.21 -7.90
CA ARG B 121 -22.62 32.51 -6.60
C ARG B 121 -24.10 32.26 -6.50
N ALA B 122 -24.53 31.80 -5.34
CA ALA B 122 -25.93 31.58 -5.07
C ALA B 122 -26.51 32.76 -4.31
N LEU B 123 -27.02 33.71 -5.08
CA LEU B 123 -27.72 34.83 -4.50
C LEU B 123 -29.09 34.38 -4.05
N PRO B 124 -29.68 35.09 -3.05
CA PRO B 124 -31.07 34.86 -2.63
C PRO B 124 -32.04 34.76 -3.80
N ALA B 125 -32.00 35.71 -4.71
CA ALA B 125 -32.93 35.71 -5.82
C ALA B 125 -32.89 34.36 -6.52
N ALA B 126 -31.69 33.87 -6.85
CA ALA B 126 -31.58 32.62 -7.61
C ALA B 126 -32.07 31.45 -6.74
N ALA B 127 -31.63 31.40 -5.49
CA ALA B 127 -31.99 30.26 -4.66
C ALA B 127 -33.49 30.17 -4.43
N TRP B 128 -34.14 31.30 -4.18
CA TRP B 128 -35.54 31.24 -3.85
C TRP B 128 -36.38 30.97 -5.06
N SER B 129 -35.91 31.35 -6.26
CA SER B 129 -36.61 30.91 -7.51
C SER B 129 -36.52 29.43 -7.70
N LEU B 130 -35.33 28.87 -7.46
CA LEU B 130 -35.16 27.43 -7.59
C LEU B 130 -36.09 26.74 -6.59
N TYR B 131 -36.15 27.29 -5.40
CA TYR B 131 -37.05 26.74 -4.38
C TYR B 131 -38.49 26.73 -4.86
N GLN B 132 -38.94 27.84 -5.46
CA GLN B 132 -40.35 27.96 -5.92
C GLN B 132 -40.65 27.06 -7.10
N ALA B 133 -39.63 26.70 -7.89
CA ALA B 133 -39.79 25.67 -8.92
C ALA B 133 -39.68 24.22 -8.41
N GLY B 134 -39.75 24.03 -7.09
CA GLY B 134 -39.74 22.68 -6.50
C GLY B 134 -38.37 22.17 -6.02
N CYS B 135 -37.32 22.99 -6.06
CA CYS B 135 -35.99 22.48 -5.74
C CYS B 135 -35.78 22.46 -4.27
N SER B 136 -35.25 21.34 -3.74
CA SER B 136 -34.75 21.34 -2.38
C SER B 136 -33.41 22.10 -2.44
N LEU B 137 -33.05 22.81 -1.37
CA LEU B 137 -31.74 23.44 -1.27
C LEU B 137 -30.97 22.73 -0.21
N ARG B 138 -29.76 22.28 -0.54
CA ARG B 138 -28.89 21.57 0.43
C ARG B 138 -27.60 22.34 0.65
N LEU B 139 -27.34 22.71 1.87
CA LEU B 139 -26.13 23.51 2.27
C LEU B 139 -25.12 22.52 2.82
N LEU B 140 -24.02 22.39 2.12
CA LEU B 140 -22.98 21.41 2.47
C LEU B 140 -22.13 21.73 3.69
N CYS B 141 -22.05 22.96 4.10
CA CYS B 141 -21.07 23.29 5.11
C CYS B 141 -21.57 24.45 5.95
N PRO B 142 -22.66 24.24 6.63
CA PRO B 142 -23.30 25.32 7.38
C PRO B 142 -22.43 25.89 8.46
N GLN B 143 -21.61 25.05 9.06
CA GLN B 143 -20.67 25.48 10.12
C GLN B 143 -19.68 26.52 9.65
N ALA B 144 -19.42 26.58 8.35
CA ALA B 144 -18.55 27.65 7.83
C ALA B 144 -19.23 29.03 7.95
N PHE B 145 -20.55 29.04 8.08
CA PHE B 145 -21.32 30.29 8.02
C PHE B 145 -22.16 30.58 9.25
N SER B 146 -22.45 29.55 10.05
CA SER B 146 -23.26 29.69 11.22
C SER B 146 -22.42 29.42 12.42
N THR B 147 -22.38 30.37 13.34
CA THR B 147 -21.57 30.14 14.51
C THR B 147 -22.28 29.19 15.48
N THR B 148 -23.58 29.03 15.40
CA THR B 148 -24.23 28.07 16.30
C THR B 148 -24.03 26.65 15.83
N VAL B 149 -24.13 26.40 14.53
CA VAL B 149 -23.81 25.08 14.01
C VAL B 149 -22.33 24.72 14.26
N TRP B 150 -21.45 25.70 14.17
CA TRP B 150 -20.05 25.46 14.47
C TRP B 150 -19.83 24.98 15.88
N GLN B 151 -20.42 25.68 16.82
CA GLN B 151 -20.28 25.32 18.19
C GLN B 151 -20.81 23.92 18.47
N PHE B 152 -22.00 23.68 17.97
CA PHE B 152 -22.65 22.40 18.13
C PHE B 152 -21.75 21.28 17.62
N LEU B 153 -21.23 21.42 16.40
CA LEU B 153 -20.34 20.37 15.85
C LEU B 153 -18.99 20.28 16.56
N ALA B 154 -18.45 21.43 17.00
CA ALA B 154 -17.10 21.45 17.56
C ALA B 154 -17.17 20.72 18.90
N VAL B 155 -18.24 20.91 19.66
CA VAL B 155 -18.40 20.18 20.92
C VAL B 155 -18.61 18.65 20.65
N LEU B 156 -19.54 18.27 19.77
CA LEU B 156 -19.82 16.86 19.56
C LEU B 156 -18.65 16.03 19.00
N GLN B 157 -17.84 16.64 18.14
CA GLN B 157 -16.72 15.92 17.55
C GLN B 157 -15.81 15.41 18.67
N GLU B 158 -15.80 16.12 19.80
CA GLU B 158 -14.91 15.71 20.86
C GLU B 158 -15.33 14.37 21.54
N GLN B 159 -16.59 13.98 21.45
CA GLN B 159 -17.01 12.68 21.98
C GLN B 159 -17.24 11.63 20.88
N PHE B 160 -16.98 11.97 19.63
CA PHE B 160 -17.01 10.97 18.61
C PHE B 160 -15.63 10.46 18.30
N GLY B 161 -14.59 11.28 18.49
CA GLY B 161 -13.25 10.89 18.03
C GLY B 161 -13.14 10.92 16.50
N SER B 162 -14.05 11.64 15.86
CA SER B 162 -14.14 11.63 14.42
C SER B 162 -14.80 12.91 14.03
N MET B 163 -14.37 13.50 12.92
CA MET B 163 -15.02 14.73 12.38
C MET B 163 -16.54 14.57 12.40
N ALA B 164 -17.22 15.63 12.86
CA ALA B 164 -18.66 15.76 12.85
C ALA B 164 -18.97 16.81 11.77
N GLY B 165 -19.62 16.40 10.67
CA GLY B 165 -20.01 17.32 9.57
C GLY B 165 -21.49 17.60 9.67
N SER B 166 -22.02 18.48 8.82
CA SER B 166 -23.46 18.61 8.76
C SER B 166 -23.82 19.02 7.39
N ASN B 167 -25.08 18.78 7.06
CA ASN B 167 -25.74 19.32 5.87
C ASN B 167 -27.06 19.89 6.30
N VAL B 168 -27.49 21.03 5.75
CA VAL B 168 -28.88 21.54 5.94
C VAL B 168 -29.72 21.30 4.67
N TYR B 169 -30.89 20.68 4.85
CA TYR B 169 -31.86 20.42 3.76
C TYR B 169 -33.13 21.23 3.93
N LEU B 170 -33.41 22.10 2.93
CA LEU B 170 -34.69 22.85 2.87
C LEU B 170 -35.47 22.34 1.65
N THR B 171 -36.64 21.75 1.91
CA THR B 171 -37.48 21.13 0.89
C THR B 171 -38.83 21.83 0.85
N PRO B 172 -39.22 22.30 -0.33
CA PRO B 172 -40.50 22.98 -0.48
C PRO B 172 -41.68 22.00 -0.39
N PRO B 173 -42.89 22.50 -0.13
CA PRO B 173 -44.07 21.66 0.00
C PRO B 173 -44.32 20.76 -1.20
N ASN B 174 -44.95 19.62 -0.98
CA ASN B 174 -45.32 18.70 -2.06
C ASN B 174 -44.14 18.39 -2.97
N SER B 175 -43.01 18.03 -2.40
CA SER B 175 -41.83 17.81 -3.21
C SER B 175 -40.86 16.84 -2.55
N GLN B 176 -39.99 16.28 -3.37
CA GLN B 176 -38.90 15.45 -2.89
C GLN B 176 -37.62 15.94 -3.59
N GLY B 177 -36.60 16.19 -2.81
CA GLY B 177 -35.33 16.69 -3.36
C GLY B 177 -34.45 15.60 -3.95
N PHE B 178 -34.39 14.43 -3.33
CA PHE B 178 -33.34 13.47 -3.64
C PHE B 178 -33.83 12.07 -3.85
N ALA B 179 -33.08 11.33 -4.68
CA ALA B 179 -33.30 9.92 -4.88
C ALA B 179 -32.98 9.20 -3.56
N PRO B 180 -33.67 8.06 -3.29
CA PRO B 180 -33.25 7.22 -2.18
C PRO B 180 -31.79 6.82 -2.28
N HIS B 181 -31.11 6.75 -1.13
CA HIS B 181 -29.70 6.49 -1.13
C HIS B 181 -29.31 6.04 0.24
N TYR B 182 -28.10 5.45 0.38
CA TYR B 182 -27.47 5.40 1.69
C TYR B 182 -26.20 6.19 1.71
N ASP B 183 -25.86 6.67 2.90
CA ASP B 183 -24.65 7.40 3.13
C ASP B 183 -23.53 6.49 3.66
N ASP B 184 -22.34 7.05 3.74
CA ASP B 184 -21.15 6.36 4.28
C ASP B 184 -20.77 6.95 5.62
N ILE B 185 -21.73 7.55 6.30
CA ILE B 185 -21.46 8.16 7.60
C ILE B 185 -22.63 7.82 8.46
N GLU B 186 -22.45 7.93 9.76
CA GLU B 186 -23.55 7.81 10.70
C GLU B 186 -24.30 9.14 10.74
N ALA B 187 -25.61 9.07 10.67
CA ALA B 187 -26.43 10.23 10.47
C ALA B 187 -27.36 10.43 11.64
N PHE B 188 -27.52 11.69 12.03
CA PHE B 188 -28.49 12.09 13.02
C PHE B 188 -29.28 13.24 12.40
N VAL B 189 -30.54 13.01 12.07
CA VAL B 189 -31.35 13.97 11.45
C VAL B 189 -32.11 14.76 12.51
N LEU B 190 -31.90 16.08 12.53
CA LEU B 190 -32.52 17.00 13.49
C LEU B 190 -33.61 17.82 12.78
N GLN B 191 -34.87 17.59 13.11
CA GLN B 191 -35.95 18.28 12.41
C GLN B 191 -36.16 19.65 12.98
N LEU B 192 -36.02 20.67 12.16
CA LEU B 192 -35.90 22.07 12.64
C LEU B 192 -37.14 22.87 12.38
N GLU B 193 -37.73 22.70 11.20
CA GLU B 193 -38.95 23.40 10.87
C GLU B 193 -39.83 22.50 10.00
N GLY B 194 -41.15 22.67 10.15
CA GLY B 194 -42.08 21.94 9.30
C GLY B 194 -42.05 20.45 9.57
N ARG B 195 -42.53 19.67 8.60
CA ARG B 195 -42.72 18.25 8.76
C ARG B 195 -42.19 17.53 7.52
N LYS B 196 -41.76 16.28 7.66
CA LYS B 196 -41.32 15.52 6.47
C LYS B 196 -41.58 14.03 6.72
N LEU B 197 -42.01 13.36 5.66
CA LEU B 197 -42.29 11.94 5.71
C LEU B 197 -41.02 11.22 5.30
N TRP B 198 -40.44 10.53 6.26
CA TRP B 198 -39.22 9.75 6.05
C TRP B 198 -39.49 8.29 5.95
N ARG B 199 -38.75 7.62 5.09
CA ARG B 199 -38.71 6.17 5.03
C ARG B 199 -37.25 5.70 5.09
N VAL B 200 -36.93 4.83 6.06
CA VAL B 200 -35.57 4.35 6.28
C VAL B 200 -35.61 2.86 6.10
N TYR B 201 -34.55 2.30 5.50
CA TYR B 201 -34.54 0.84 5.23
C TYR B 201 -33.34 0.15 5.80
N ARG B 202 -33.54 -1.03 6.33
CA ARG B 202 -32.46 -1.90 6.74
C ARG B 202 -31.55 -2.17 5.56
N PRO B 203 -30.26 -2.37 5.84
CA PRO B 203 -29.34 -2.66 4.74
C PRO B 203 -29.98 -3.76 3.88
N ARG B 204 -29.95 -3.65 2.58
CA ARG B 204 -30.64 -4.64 1.77
C ARG B 204 -29.90 -5.97 1.67
N ALA B 205 -28.62 -5.98 1.99
CA ALA B 205 -27.76 -7.12 1.69
C ALA B 205 -26.50 -7.04 2.56
N PRO B 206 -25.80 -8.16 2.74
CA PRO B 206 -24.72 -8.16 3.74
C PRO B 206 -23.66 -7.13 3.46
N THR B 207 -23.37 -6.91 2.19
CA THR B 207 -22.28 -6.00 1.83
C THR B 207 -22.67 -4.55 2.00
N GLU B 208 -23.94 -4.26 2.11
CA GLU B 208 -24.35 -2.87 2.34
C GLU B 208 -24.49 -2.55 3.85
N GLU B 209 -24.41 -3.56 4.70
CA GLU B 209 -24.39 -3.28 6.12
C GLU B 209 -23.07 -2.59 6.45
N LEU B 210 -23.20 -1.49 7.20
CA LEU B 210 -22.09 -0.59 7.48
C LEU B 210 -21.24 -0.32 6.21
N ALA B 211 -21.89 0.08 5.15
CA ALA B 211 -21.16 0.38 3.90
C ALA B 211 -20.01 1.38 4.05
N LEU B 212 -19.01 1.18 3.19
CA LEU B 212 -17.78 1.97 3.19
C LEU B 212 -17.83 3.29 2.38
N THR B 213 -18.73 3.36 1.39
CA THR B 213 -18.88 4.52 0.49
C THR B 213 -20.37 4.69 0.17
N SER B 214 -20.78 5.91 -0.15
CA SER B 214 -22.14 6.24 -0.49
C SER B 214 -22.68 5.42 -1.66
N SER B 215 -23.97 5.21 -1.64
CA SER B 215 -24.63 4.45 -2.69
C SER B 215 -24.80 5.28 -3.94
N PRO B 216 -24.97 4.60 -5.07
CA PRO B 216 -25.64 5.27 -6.20
C PRO B 216 -27.06 5.73 -5.86
N ASN B 217 -27.64 6.53 -6.76
CA ASN B 217 -29.06 6.83 -6.71
C ASN B 217 -29.83 5.54 -7.00
N PHE B 218 -30.72 5.17 -6.10
CA PHE B 218 -31.63 4.03 -6.30
C PHE B 218 -32.98 4.49 -6.90
N SER B 219 -33.72 3.56 -7.47
CA SER B 219 -35.12 3.82 -7.85
C SER B 219 -35.99 3.13 -6.82
N GLN B 220 -37.27 3.43 -6.85
CA GLN B 220 -38.19 2.80 -5.95
C GLN B 220 -38.27 1.29 -6.11
N ASP B 221 -37.87 0.79 -7.30
CA ASP B 221 -37.87 -0.67 -7.55
C ASP B 221 -36.75 -1.48 -6.90
N ASP B 222 -35.72 -0.80 -6.45
CA ASP B 222 -34.58 -1.43 -5.77
C ASP B 222 -34.85 -1.62 -4.31
N LEU B 223 -35.95 -1.03 -3.82
CA LEU B 223 -36.24 -0.93 -2.40
C LEU B 223 -37.32 -1.91 -1.97
N GLY B 224 -37.17 -2.41 -0.75
CA GLY B 224 -38.18 -3.19 -0.08
C GLY B 224 -39.09 -2.32 0.76
N GLU B 225 -39.46 -2.87 1.93
CA GLU B 225 -40.37 -2.23 2.86
C GLU B 225 -39.53 -1.50 3.90
N PRO B 226 -39.91 -0.27 4.26
CA PRO B 226 -39.10 0.48 5.20
C PRO B 226 -39.09 -0.21 6.55
N VAL B 227 -37.97 -0.18 7.28
CA VAL B 227 -38.00 -0.65 8.66
C VAL B 227 -38.61 0.48 9.49
N LEU B 228 -38.62 1.70 8.99
CA LEU B 228 -39.17 2.81 9.77
C LEU B 228 -39.71 3.84 8.79
N GLN B 229 -40.94 4.29 9.05
CA GLN B 229 -41.63 5.23 8.20
C GLN B 229 -42.39 6.17 9.10
N THR B 230 -42.13 7.47 9.02
CA THR B 230 -42.66 8.38 10.00
C THR B 230 -42.61 9.81 9.47
N VAL B 231 -43.45 10.65 10.06
CA VAL B 231 -43.44 12.08 9.83
C VAL B 231 -42.74 12.71 11.01
N LEU B 232 -41.59 13.33 10.74
CA LEU B 232 -40.81 14.04 11.77
C LEU B 232 -41.39 15.42 11.95
N GLU B 233 -41.48 15.85 13.19
CA GLU B 233 -41.82 17.20 13.55
C GLU B 233 -40.65 17.92 14.23
N PRO B 234 -40.73 19.25 14.33
CA PRO B 234 -39.63 20.00 14.93
C PRO B 234 -39.33 19.49 16.35
N GLY B 235 -38.04 19.30 16.61
CA GLY B 235 -37.59 18.77 17.87
C GLY B 235 -37.22 17.31 17.77
N ASP B 236 -37.86 16.58 16.88
CA ASP B 236 -37.57 15.16 16.77
C ASP B 236 -36.12 14.90 16.28
N LEU B 237 -35.67 13.68 16.52
CA LEU B 237 -34.38 13.23 16.06
C LEU B 237 -34.53 11.84 15.43
N LEU B 238 -33.79 11.62 14.37
CA LEU B 238 -33.76 10.31 13.72
C LEU B 238 -32.31 9.94 13.41
N TYR B 239 -31.88 8.82 13.95
CA TYR B 239 -30.52 8.34 13.76
C TYR B 239 -30.59 7.15 12.91
N PHE B 240 -29.62 6.99 12.02
CA PHE B 240 -29.50 5.72 11.33
C PHE B 240 -28.12 5.48 10.79
N PRO B 241 -27.67 4.24 10.80
CA PRO B 241 -26.32 3.94 10.37
C PRO B 241 -26.00 4.00 8.90
N ARG B 242 -24.71 4.13 8.59
CA ARG B 242 -24.22 4.00 7.23
C ARG B 242 -24.69 2.67 6.63
N GLY B 243 -25.32 2.71 5.47
CA GLY B 243 -25.82 1.54 4.79
C GLY B 243 -27.31 1.49 4.76
N PHE B 244 -27.97 2.24 5.66
CA PHE B 244 -29.40 2.27 5.72
C PHE B 244 -29.91 3.21 4.65
N ILE B 245 -30.74 2.69 3.74
CA ILE B 245 -31.27 3.52 2.67
C ILE B 245 -32.35 4.40 3.28
N HIS B 246 -32.43 5.65 2.81
CA HIS B 246 -33.46 6.57 3.29
C HIS B 246 -33.90 7.46 2.18
N GLN B 247 -35.12 7.98 2.34
CA GLN B 247 -35.64 9.05 1.49
C GLN B 247 -36.74 9.76 2.28
N ALA B 248 -37.14 10.91 1.79
CA ALA B 248 -38.04 11.80 2.50
C ALA B 248 -38.76 12.73 1.54
N GLU B 249 -39.93 13.19 1.97
CA GLU B 249 -40.79 14.04 1.12
C GLU B 249 -41.69 14.95 2.00
N CYS B 250 -41.94 16.16 1.53
CA CYS B 250 -42.94 17.02 2.17
C CYS B 250 -44.30 16.73 1.61
N GLN B 251 -45.27 16.65 2.50
CA GLN B 251 -46.67 16.61 2.12
C GLN B 251 -47.24 18.01 2.03
N ASP B 252 -48.55 18.08 1.78
CA ASP B 252 -49.27 19.33 1.51
C ASP B 252 -48.96 20.46 2.52
N GLY B 253 -48.67 21.65 1.98
CA GLY B 253 -48.72 22.91 2.74
C GLY B 253 -47.44 23.39 3.40
N VAL B 254 -46.86 22.52 4.24
CA VAL B 254 -45.68 22.84 5.07
C VAL B 254 -44.37 22.52 4.34
N HIS B 255 -43.38 23.43 4.40
CA HIS B 255 -42.01 23.11 3.96
C HIS B 255 -41.28 22.32 5.00
N SER B 256 -40.06 21.85 4.70
CA SER B 256 -39.28 21.11 5.71
C SER B 256 -37.86 21.65 5.82
N LEU B 257 -37.36 21.82 7.05
CA LEU B 257 -35.99 22.19 7.26
C LEU B 257 -35.40 21.22 8.29
N HIS B 258 -34.33 20.53 7.91
CA HIS B 258 -33.61 19.69 8.84
C HIS B 258 -32.11 19.83 8.71
N LEU B 259 -31.40 19.51 9.79
CA LEU B 259 -29.93 19.45 9.79
C LEU B 259 -29.55 18.02 9.99
N THR B 260 -28.70 17.48 9.16
CA THR B 260 -28.15 16.17 9.41
C THR B 260 -26.71 16.27 9.83
N LEU B 261 -26.44 15.69 10.98
CA LEU B 261 -25.09 15.64 11.55
C LEU B 261 -24.46 14.31 11.16
N SER B 262 -23.25 14.35 10.68
CA SER B 262 -22.59 13.19 10.12
C SER B 262 -21.31 12.96 10.85
N THR B 263 -20.99 11.70 11.13
CA THR B 263 -19.67 11.37 11.62
C THR B 263 -19.22 9.98 11.17
N TYR B 264 -18.01 9.61 11.53
CA TYR B 264 -17.54 8.26 11.37
C TYR B 264 -17.38 7.86 9.90
N GLN B 265 -16.92 8.78 9.10
CA GLN B 265 -16.48 8.43 7.77
C GLN B 265 -15.15 7.76 7.83
N ARG B 266 -15.05 6.55 7.26
CA ARG B 266 -13.79 5.81 7.21
C ARG B 266 -13.10 5.75 8.57
N ASN B 267 -13.83 5.30 9.56
CA ASN B 267 -13.31 5.19 10.89
C ASN B 267 -13.48 3.78 11.42
N THR B 268 -13.03 2.80 10.65
CA THR B 268 -13.26 1.39 10.92
C THR B 268 -12.01 0.68 11.30
N TRP B 269 -12.16 -0.49 11.91
CA TRP B 269 -11.06 -1.39 12.17
C TRP B 269 -10.28 -1.67 10.93
N GLY B 270 -10.99 -1.87 9.84
CA GLY B 270 -10.27 -2.21 8.61
C GLY B 270 -9.40 -1.05 8.13
N ASP B 271 -9.82 0.19 8.36
CA ASP B 271 -9.04 1.37 7.92
C ASP B 271 -7.79 1.42 8.78
N PHE B 272 -7.96 1.10 10.07
CA PHE B 272 -6.85 1.00 10.96
C PHE B 272 -5.87 -0.06 10.45
N LEU B 273 -6.35 -1.24 10.11
CA LEU B 273 -5.47 -2.29 9.55
C LEU B 273 -4.82 -1.94 8.22
N GLU B 274 -5.56 -1.27 7.34
CA GLU B 274 -4.98 -0.79 6.06
C GLU B 274 -3.67 -0.02 6.25
N ALA B 275 -3.63 0.89 7.21
CA ALA B 275 -2.42 1.65 7.46
C ALA B 275 -1.35 0.82 8.22
N ILE B 276 -1.77 -0.17 9.01
CA ILE B 276 -0.80 -0.93 9.82
C ILE B 276 -0.07 -2.02 9.03
N LEU B 277 -0.72 -2.63 8.05
CA LEU B 277 -0.12 -3.82 7.40
C LEU B 277 1.20 -3.58 6.68
N PRO B 278 1.28 -2.56 5.82
CA PRO B 278 2.57 -2.30 5.16
C PRO B 278 3.73 -2.04 6.15
N LEU B 279 3.47 -1.34 7.23
CA LEU B 279 4.50 -1.08 8.23
C LEU B 279 4.90 -2.36 8.96
N ALA B 280 3.91 -3.20 9.25
CA ALA B 280 4.09 -4.45 9.98
C ALA B 280 4.97 -5.36 9.18
N VAL B 281 4.66 -5.50 7.90
CA VAL B 281 5.46 -6.38 7.03
C VAL B 281 6.87 -5.88 6.97
N GLN B 282 7.03 -4.56 6.86
CA GLN B 282 8.31 -3.97 6.66
C GLN B 282 9.14 -4.25 7.93
N ALA B 283 8.55 -4.08 9.11
CA ALA B 283 9.28 -4.27 10.38
C ALA B 283 9.66 -5.74 10.57
N ALA B 284 8.74 -6.64 10.25
CA ALA B 284 8.98 -8.08 10.32
C ALA B 284 10.12 -8.51 9.41
N MET B 285 10.18 -7.93 8.22
CA MET B 285 11.18 -8.40 7.25
C MET B 285 12.54 -7.89 7.71
N GLU B 286 12.53 -6.72 8.33
CA GLU B 286 13.76 -6.16 8.89
C GLU B 286 14.29 -6.83 10.18
N GLU B 287 13.39 -7.37 11.00
CA GLU B 287 13.72 -7.80 12.35
C GLU B 287 13.79 -9.30 12.56
N ASN B 288 13.16 -10.07 11.67
CA ASN B 288 13.08 -11.47 11.79
C ASN B 288 13.38 -12.20 10.48
N VAL B 289 14.42 -13.04 10.51
CA VAL B 289 14.90 -13.70 9.32
C VAL B 289 13.89 -14.60 8.63
N GLU B 290 12.90 -15.12 9.37
CA GLU B 290 11.89 -16.04 8.76
C GLU B 290 11.10 -15.35 7.63
N PHE B 291 10.89 -14.04 7.73
CA PHE B 291 10.20 -13.28 6.70
C PHE B 291 11.12 -12.95 5.52
N ARG B 292 12.39 -13.25 5.66
CA ARG B 292 13.36 -12.92 4.66
C ARG B 292 13.78 -14.14 3.88
N ARG B 293 13.27 -15.32 4.24
CA ARG B 293 13.65 -16.56 3.53
C ARG B 293 13.05 -16.60 2.16
N GLY B 294 13.71 -17.32 1.25
CA GLY B 294 13.29 -17.39 -0.13
C GLY B 294 12.01 -18.18 -0.32
N LEU B 295 11.14 -17.73 -1.23
CA LEU B 295 10.05 -18.58 -1.70
C LEU B 295 10.63 -19.78 -2.41
N PRO B 296 9.81 -20.85 -2.56
CA PRO B 296 10.24 -22.00 -3.35
C PRO B 296 10.40 -21.62 -4.81
N ARG B 297 11.30 -22.31 -5.46
CA ARG B 297 11.58 -22.12 -6.86
C ARG B 297 10.43 -22.44 -7.76
N ASP B 298 9.57 -23.38 -7.34
CA ASP B 298 8.58 -23.94 -8.24
C ASP B 298 7.15 -23.77 -7.71
N PHE B 299 6.93 -22.87 -6.75
CA PHE B 299 5.55 -22.72 -6.26
C PHE B 299 4.52 -22.34 -7.34
N MET B 300 4.99 -21.76 -8.44
CA MET B 300 4.11 -21.43 -9.55
C MET B 300 3.50 -22.65 -10.22
N ASP B 301 4.01 -23.85 -9.99
CA ASP B 301 3.38 -25.06 -10.54
C ASP B 301 2.15 -25.49 -9.78
N TYR B 302 1.92 -24.97 -8.58
CA TYR B 302 0.78 -25.41 -7.77
C TYR B 302 0.02 -24.28 -7.08
N MET B 303 0.44 -23.04 -7.28
CA MET B 303 -0.34 -21.91 -6.80
C MET B 303 -0.70 -21.09 -8.01
N GLY B 304 -1.81 -20.38 -7.92
CA GLY B 304 -2.32 -19.56 -9.02
C GLY B 304 -3.70 -20.05 -9.40
N ALA B 305 -4.45 -19.19 -10.08
CA ALA B 305 -5.84 -19.53 -10.44
C ALA B 305 -5.92 -20.85 -11.25
N GLN B 306 -4.96 -21.13 -12.16
CA GLN B 306 -5.04 -22.39 -12.94
C GLN B 306 -4.86 -23.65 -12.07
N HIS B 307 -4.54 -23.49 -10.79
CA HIS B 307 -4.24 -24.59 -9.93
C HIS B 307 -5.10 -24.64 -8.71
N SER B 308 -6.20 -23.88 -8.65
CA SER B 308 -7.13 -23.96 -7.47
C SER B 308 -7.66 -25.35 -7.11
N ASP B 309 -7.55 -26.33 -8.01
CA ASP B 309 -7.99 -27.70 -7.73
C ASP B 309 -6.84 -28.68 -7.67
N SER B 310 -5.62 -28.17 -7.57
CA SER B 310 -4.46 -29.05 -7.46
C SER B 310 -4.60 -29.99 -6.25
N LYS B 311 -4.28 -31.25 -6.49
CA LYS B 311 -4.14 -32.30 -5.48
C LYS B 311 -2.83 -32.08 -4.68
N ASP B 312 -1.88 -31.37 -5.29
CA ASP B 312 -0.50 -31.27 -4.78
C ASP B 312 -0.43 -30.86 -3.28
N PRO B 313 0.18 -31.73 -2.46
CA PRO B 313 0.25 -31.45 -1.03
C PRO B 313 1.11 -30.22 -0.69
N ARG B 314 2.02 -29.86 -1.57
CA ARG B 314 2.76 -28.60 -1.36
C ARG B 314 1.84 -27.37 -1.40
N ARG B 315 0.75 -27.43 -2.14
CA ARG B 315 -0.20 -26.32 -2.10
C ARG B 315 -0.69 -26.08 -0.63
N THR B 316 -1.05 -27.15 0.06
CA THR B 316 -1.48 -27.13 1.46
C THR B 316 -0.37 -26.59 2.37
N ALA B 317 0.85 -27.08 2.22
CA ALA B 317 1.96 -26.57 3.03
C ALA B 317 2.22 -25.05 2.74
N PHE B 318 2.03 -24.60 1.49
CA PHE B 318 2.22 -23.18 1.11
C PHE B 318 1.22 -22.26 1.84
N MET B 319 -0.03 -22.67 1.82
CA MET B 319 -1.12 -21.98 2.51
C MET B 319 -0.89 -21.90 4.00
N GLU B 320 -0.42 -22.99 4.60
CA GLU B 320 -0.18 -23.03 6.06
C GLU B 320 0.96 -22.07 6.42
N LYS B 321 1.99 -22.02 5.59
CA LYS B 321 3.08 -21.10 5.90
C LYS B 321 2.61 -19.65 5.81
N VAL B 322 1.78 -19.34 4.81
CA VAL B 322 1.23 -18.00 4.70
C VAL B 322 0.45 -17.62 5.95
N ARG B 323 -0.43 -18.51 6.40
CA ARG B 323 -1.21 -18.29 7.62
C ARG B 323 -0.33 -18.10 8.85
N VAL B 324 0.67 -18.93 9.02
CA VAL B 324 1.55 -18.79 10.17
C VAL B 324 2.31 -17.47 10.09
N LEU B 325 2.71 -17.06 8.91
CA LEU B 325 3.49 -15.79 8.84
C LEU B 325 2.58 -14.60 9.11
N VAL B 326 1.33 -14.64 8.60
CA VAL B 326 0.37 -13.58 8.78
C VAL B 326 -0.04 -13.44 10.27
N ALA B 327 -0.20 -14.56 10.95
CA ALA B 327 -0.57 -14.57 12.38
C ALA B 327 0.56 -13.92 13.20
N ARG B 328 1.82 -14.18 12.85
CA ARG B 328 2.95 -13.58 13.59
C ARG B 328 3.16 -12.11 13.31
N LEU B 329 2.50 -11.57 12.30
CA LEU B 329 2.75 -10.17 11.91
C LEU B 329 2.33 -9.24 13.03
N GLY B 330 1.34 -9.64 13.81
CA GLY B 330 0.89 -8.83 14.93
C GLY B 330 1.99 -8.33 15.84
N HIS B 331 3.00 -9.17 16.07
CA HIS B 331 4.07 -8.81 16.99
C HIS B 331 4.84 -7.58 16.46
N PHE B 332 4.90 -7.34 15.15
CA PHE B 332 5.66 -6.20 14.57
C PHE B 332 4.83 -4.97 14.12
N ALA B 333 3.55 -4.97 14.42
CA ALA B 333 2.65 -3.87 14.08
C ALA B 333 2.85 -2.63 14.96
N PRO B 334 3.21 -1.47 14.39
CA PRO B 334 3.39 -0.27 15.20
C PRO B 334 2.03 0.40 15.50
N VAL B 335 1.28 -0.24 16.37
CA VAL B 335 -0.09 0.13 16.63
C VAL B 335 -0.18 1.56 17.15
N ASP B 336 0.76 1.95 17.99
CA ASP B 336 0.74 3.31 18.55
C ASP B 336 1.03 4.36 17.48
N ALA B 337 1.90 4.04 16.55
CA ALA B 337 2.31 5.00 15.52
C ALA B 337 1.07 5.24 14.62
N VAL B 338 0.35 4.18 14.30
CA VAL B 338 -0.87 4.32 13.49
C VAL B 338 -1.94 5.05 14.26
N ALA B 339 -2.09 4.79 15.55
CA ALA B 339 -3.08 5.55 16.32
C ALA B 339 -2.78 7.01 16.21
N ASP B 340 -1.49 7.33 16.19
CA ASP B 340 -1.04 8.73 16.17
C ASP B 340 -1.33 9.42 14.83
N GLN B 341 -1.06 8.71 13.74
CA GLN B 341 -1.37 9.19 12.41
C GLN B 341 -2.88 9.50 12.30
N ARG B 342 -3.69 8.60 12.81
CA ARG B 342 -5.13 8.84 12.81
C ARG B 342 -5.51 10.01 13.68
N ALA B 343 -4.81 10.17 14.79
CA ALA B 343 -5.04 11.28 15.68
C ALA B 343 -4.69 12.58 14.95
N LYS B 344 -3.60 12.57 14.19
CA LYS B 344 -3.16 13.76 13.46
C LYS B 344 -4.21 14.08 12.38
N ASP B 345 -4.70 13.07 11.68
CA ASP B 345 -5.75 13.36 10.69
C ASP B 345 -6.99 13.95 11.33
N PHE B 346 -7.30 13.54 12.56
CA PHE B 346 -8.47 13.94 13.26
C PHE B 346 -8.31 15.40 13.68
N ILE B 347 -7.14 15.74 14.24
CA ILE B 347 -6.76 17.16 14.53
C ILE B 347 -6.93 18.06 13.27
N HIS B 348 -6.39 17.61 12.16
CA HIS B 348 -6.49 18.30 10.88
C HIS B 348 -7.90 18.46 10.43
N ASP B 349 -8.71 17.40 10.52
CA ASP B 349 -10.12 17.46 10.12
C ASP B 349 -11.00 18.29 11.08
N SER B 350 -10.53 18.62 12.28
CA SER B 350 -11.43 19.06 13.31
C SER B 350 -11.78 20.49 13.04
N LEU B 351 -12.91 20.90 13.60
CA LEU B 351 -13.26 22.29 13.68
C LEU B 351 -12.43 22.92 14.76
N PRO B 352 -12.11 24.20 14.60
CA PRO B 352 -11.46 24.88 15.67
C PRO B 352 -12.40 25.00 16.87
N PRO B 353 -11.85 25.12 18.07
CA PRO B 353 -12.65 25.12 19.26
C PRO B 353 -13.49 26.36 19.44
N VAL B 354 -14.56 26.25 20.23
CA VAL B 354 -15.34 27.39 20.66
C VAL B 354 -15.11 27.52 22.16
N LEU B 355 -14.46 28.61 22.53
CA LEU B 355 -14.03 28.86 23.86
C LEU B 355 -15.20 29.30 24.74
N THR B 356 -15.23 28.83 25.97
CA THR B 356 -16.11 29.43 26.98
C THR B 356 -15.53 30.81 27.34
N ASP B 357 -16.37 31.63 27.96
CA ASP B 357 -15.97 32.91 28.53
C ASP B 357 -14.73 32.79 29.42
N ARG B 358 -14.77 31.84 30.36
CA ARG B 358 -13.63 31.59 31.27
C ARG B 358 -12.40 31.20 30.44
N GLU B 359 -12.56 30.37 29.41
CA GLU B 359 -11.39 29.98 28.58
C GLU B 359 -10.77 31.18 27.86
N ARG B 360 -11.63 32.03 27.32
CA ARG B 360 -11.14 33.17 26.56
C ARG B 360 -10.34 34.09 27.48
N ALA B 361 -10.93 34.38 28.64
CA ALA B 361 -10.41 35.35 29.56
C ALA B 361 -9.12 34.88 30.23
N LEU B 362 -8.99 33.58 30.38
CA LEU B 362 -7.80 33.03 31.04
C LEU B 362 -6.70 32.62 30.03
N SER B 363 -6.82 33.02 28.76
CA SER B 363 -5.81 32.62 27.76
C SER B 363 -5.21 33.79 26.99
N VAL B 364 -4.29 33.46 26.08
CA VAL B 364 -3.73 34.49 25.26
C VAL B 364 -4.85 35.25 24.51
N TYR B 365 -5.97 34.61 24.17
CA TYR B 365 -7.00 35.29 23.37
C TYR B 365 -7.61 36.45 24.09
N GLY B 366 -7.65 36.40 25.41
CA GLY B 366 -8.35 37.43 26.18
C GLY B 366 -7.38 38.34 26.90
N LEU B 367 -6.10 38.26 26.57
CA LEU B 367 -5.07 39.06 27.22
C LEU B 367 -5.23 40.50 26.73
N PRO B 368 -5.50 41.48 27.62
CA PRO B 368 -5.62 42.84 27.07
C PRO B 368 -4.26 43.52 26.82
N ILE B 369 -4.20 44.37 25.82
CA ILE B 369 -3.03 45.16 25.54
C ILE B 369 -3.22 46.54 26.16
N ARG B 370 -2.19 47.07 26.83
CA ARG B 370 -2.23 48.48 27.36
C ARG B 370 -1.64 49.50 26.37
N TRP B 371 -2.41 50.54 26.07
CA TRP B 371 -2.04 51.61 25.12
C TRP B 371 -1.81 52.99 25.75
N GLU B 372 -0.65 53.59 25.48
CA GLU B 372 -0.22 54.87 26.03
C GLU B 372 0.37 55.72 24.91
N ALA B 373 -0.25 56.86 24.65
CA ALA B 373 0.14 57.73 23.56
C ALA B 373 0.39 56.95 22.26
N GLY B 374 -0.58 56.14 21.85
CA GLY B 374 -0.50 55.41 20.60
C GLY B 374 0.44 54.20 20.52
N GLU B 375 1.00 53.80 21.65
CA GLU B 375 1.93 52.66 21.70
C GLU B 375 1.46 51.58 22.70
N PRO B 376 1.75 50.30 22.45
CA PRO B 376 1.44 49.25 23.43
C PRO B 376 2.50 49.09 24.55
N VAL B 377 2.10 48.76 25.79
CA VAL B 377 3.07 48.70 26.94
C VAL B 377 3.16 47.35 27.77
N ASN B 378 2.05 46.80 28.28
CA ASN B 378 2.10 45.49 28.97
C ASN B 378 1.64 44.38 28.03
N ALA B 381 2.37 40.49 31.81
CA ALA B 381 3.20 39.63 32.66
C ALA B 381 3.69 38.38 31.94
N GLN B 382 4.95 38.05 32.24
CA GLN B 382 5.49 36.74 32.03
C GLN B 382 4.76 35.69 32.93
N LEU B 383 4.79 34.42 32.52
CA LEU B 383 4.39 33.30 33.37
C LEU B 383 5.52 33.09 34.34
N THR B 384 5.21 32.50 35.48
CA THR B 384 6.27 32.12 36.44
C THR B 384 6.11 30.68 36.85
N THR B 385 7.07 30.18 37.63
CA THR B 385 7.01 28.86 38.14
C THR B 385 5.80 28.65 39.07
N GLU B 386 5.19 29.74 39.50
CA GLU B 386 4.02 29.66 40.41
C GLU B 386 2.68 29.74 39.67
N THR B 387 2.70 30.20 38.42
CA THR B 387 1.48 30.22 37.59
C THR B 387 0.86 28.81 37.42
N GLU B 388 -0.43 28.72 37.62
CA GLU B 388 -1.11 27.45 37.52
C GLU B 388 -1.75 27.36 36.14
N VAL B 389 -1.53 26.23 35.47
CA VAL B 389 -1.96 26.05 34.10
C VAL B 389 -2.64 24.69 33.81
N HIS B 390 -3.39 24.66 32.72
CA HIS B 390 -3.82 23.45 32.06
C HIS B 390 -4.20 23.76 30.66
N MET B 391 -4.30 22.72 29.86
CA MET B 391 -4.59 22.88 28.45
C MET B 391 -5.86 23.68 28.26
N LEU B 392 -5.92 24.48 27.19
CA LEU B 392 -7.08 25.33 26.93
C LEU B 392 -8.34 24.50 26.88
N GLN B 393 -8.27 23.34 26.23
CA GLN B 393 -9.39 22.36 26.18
C GLN B 393 -8.75 21.01 25.98
N ASP B 394 -9.54 19.95 26.12
CA ASP B 394 -8.98 18.59 26.11
C ASP B 394 -8.78 18.03 24.72
N GLY B 395 -9.39 18.62 23.71
CA GLY B 395 -9.47 17.98 22.39
C GLY B 395 -8.80 18.84 21.30
N ILE B 396 -7.80 19.65 21.63
CA ILE B 396 -7.22 20.59 20.70
C ILE B 396 -5.80 20.28 20.33
N ALA B 397 -5.20 19.33 21.03
CA ALA B 397 -3.81 19.02 20.76
C ALA B 397 -3.43 17.57 20.89
N ARG B 398 -2.37 17.16 20.18
CA ARG B 398 -1.92 15.82 20.20
C ARG B 398 -0.39 15.66 19.93
N LEU B 399 0.27 14.82 20.70
CA LEU B 399 1.66 14.59 20.54
C LEU B 399 1.81 13.42 19.54
N VAL B 400 2.65 13.62 18.53
CA VAL B 400 2.83 12.61 17.48
C VAL B 400 4.30 12.47 17.19
N GLY B 401 4.80 11.23 17.23
CA GLY B 401 6.20 10.92 16.87
C GLY B 401 6.28 10.62 15.38
N GLU B 402 7.20 11.29 14.69
CA GLU B 402 7.30 11.15 13.23
C GLU B 402 8.74 11.34 12.84
N GLY B 403 9.27 10.36 12.08
CA GLY B 403 10.69 10.34 11.74
C GLY B 403 11.38 10.23 13.08
N GLY B 404 12.47 10.95 13.24
CA GLY B 404 13.16 10.97 14.54
C GLY B 404 12.53 11.86 15.61
N HIS B 405 11.46 12.60 15.27
CA HIS B 405 11.11 13.79 16.06
C HIS B 405 9.74 13.72 16.75
N LEU B 406 9.45 14.69 17.61
CA LEU B 406 8.12 14.79 18.27
C LEU B 406 7.44 16.11 17.96
N PHE B 407 6.19 16.04 17.56
CA PHE B 407 5.43 17.20 17.16
C PHE B 407 4.10 17.30 17.86
N LEU B 408 3.72 18.49 18.28
CA LEU B 408 2.41 18.74 18.87
C LEU B 408 1.53 19.37 17.77
N TYR B 409 0.60 18.60 17.25
CA TYR B 409 -0.36 19.11 16.28
C TYR B 409 -1.51 19.67 17.06
N TYR B 410 -2.14 20.70 16.53
CA TYR B 410 -3.24 21.38 17.25
C TYR B 410 -4.32 21.89 16.32
N THR B 411 -5.48 22.18 16.87
CA THR B 411 -6.64 22.60 16.08
C THR B 411 -6.94 24.10 16.10
N VAL B 412 -6.25 24.85 16.95
CA VAL B 412 -6.64 26.22 17.26
C VAL B 412 -6.47 27.19 16.09
N GLU B 413 -5.75 26.79 15.04
CA GLU B 413 -5.65 27.60 13.83
C GLU B 413 -6.40 26.99 12.64
N ASN B 414 -7.22 25.98 12.88
CA ASN B 414 -7.98 25.40 11.79
C ASN B 414 -9.12 26.33 11.36
N SER B 415 -9.49 26.24 10.10
CA SER B 415 -10.57 27.05 9.59
C SER B 415 -11.85 26.23 9.77
N ARG B 416 -12.98 26.91 9.76
CA ARG B 416 -14.28 26.26 9.77
C ARG B 416 -14.62 25.60 8.42
N VAL B 417 -13.82 25.87 7.41
CA VAL B 417 -13.89 25.11 6.17
C VAL B 417 -12.97 23.87 6.22
N TYR B 418 -13.53 22.73 5.87
CA TYR B 418 -12.78 21.47 5.87
C TYR B 418 -11.46 21.54 5.02
N HIS B 419 -10.32 21.40 5.69
CA HIS B 419 -9.00 21.28 5.04
C HIS B 419 -8.61 22.54 4.30
N LEU B 420 -9.24 23.68 4.60
CA LEU B 420 -8.80 24.93 4.01
C LEU B 420 -7.33 25.15 4.47
N GLU B 421 -7.07 24.95 5.75
CA GLU B 421 -5.72 24.99 6.30
C GLU B 421 -5.00 23.59 6.27
N GLU B 422 -3.70 23.57 5.93
CA GLU B 422 -2.83 22.36 6.04
C GLU B 422 -2.55 21.99 7.54
N PRO B 423 -1.98 20.82 7.80
CA PRO B 423 -1.87 20.48 9.24
C PRO B 423 -0.84 21.38 9.96
N LYS B 424 -1.13 21.73 11.20
CA LYS B 424 -0.38 22.73 11.94
C LYS B 424 0.21 22.09 13.22
N CYS B 425 1.51 22.27 13.45
CA CYS B 425 2.20 21.68 14.57
C CYS B 425 3.34 22.50 15.00
N LEU B 426 3.86 22.20 16.18
CA LEU B 426 5.11 22.73 16.64
C LEU B 426 5.98 21.59 17.17
N GLU B 427 7.28 21.72 17.04
CA GLU B 427 8.18 20.69 17.53
C GLU B 427 8.28 20.72 19.06
N ILE B 428 8.21 19.53 19.66
CA ILE B 428 8.44 19.36 21.09
C ILE B 428 9.77 18.62 21.28
N TYR B 429 10.74 19.27 21.89
CA TYR B 429 12.04 18.67 22.10
C TYR B 429 11.99 17.60 23.15
N PRO B 430 12.82 16.55 22.96
CA PRO B 430 12.72 15.32 23.76
C PRO B 430 12.69 15.56 25.24
N GLN B 431 13.38 16.60 25.68
CA GLN B 431 13.48 16.89 27.12
C GLN B 431 12.27 17.68 27.67
N GLN B 432 11.28 17.92 26.79
CA GLN B 432 10.00 18.48 27.16
C GLN B 432 8.84 17.51 27.05
N ALA B 433 9.13 16.32 26.52
CA ALA B 433 8.13 15.33 26.21
C ALA B 433 7.30 14.96 27.40
N ASP B 434 7.93 14.73 28.56
CA ASP B 434 7.18 14.22 29.73
C ASP B 434 6.24 15.29 30.26
N ALA B 435 6.68 16.53 30.18
CA ALA B 435 5.91 17.62 30.69
C ALA B 435 4.71 17.79 29.79
N MET B 436 4.96 17.67 28.49
CA MET B 436 3.89 17.82 27.56
C MET B 436 2.85 16.72 27.80
N GLU B 437 3.29 15.48 27.98
CA GLU B 437 2.35 14.39 28.24
C GLU B 437 1.52 14.60 29.51
N LEU B 438 2.18 15.02 30.56
CA LEU B 438 1.49 15.32 31.81
C LEU B 438 0.41 16.35 31.52
N LEU B 439 0.72 17.40 30.76
CA LEU B 439 -0.31 18.42 30.50
C LEU B 439 -1.49 17.83 29.73
N LEU B 440 -1.24 16.96 28.74
CA LEU B 440 -2.31 16.43 27.91
C LEU B 440 -3.14 15.47 28.75
N GLY B 441 -2.49 14.71 29.60
CA GLY B 441 -3.14 13.67 30.37
C GLY B 441 -3.81 14.13 31.67
N SER B 442 -3.57 15.34 32.12
CA SER B 442 -4.08 15.72 33.43
C SER B 442 -5.20 16.76 33.36
N TYR B 443 -5.63 17.10 32.15
CA TYR B 443 -6.71 18.07 31.99
C TYR B 443 -7.96 17.57 32.67
N PRO B 444 -8.69 18.45 33.38
CA PRO B 444 -8.63 19.90 33.57
C PRO B 444 -8.00 20.33 34.87
N GLU B 445 -7.08 19.53 35.40
CA GLU B 445 -6.45 19.85 36.69
C GLU B 445 -5.33 20.82 36.46
N PHE B 446 -5.31 21.87 37.29
CA PHE B 446 -4.26 22.82 37.23
C PHE B 446 -2.98 22.22 37.73
N VAL B 447 -1.89 22.53 37.03
CA VAL B 447 -0.54 22.19 37.46
CA VAL B 447 -0.56 22.21 37.53
C VAL B 447 0.31 23.46 37.48
N ARG B 448 1.21 23.56 38.45
CA ARG B 448 2.10 24.70 38.54
C ARG B 448 3.12 24.49 37.47
N VAL B 449 3.47 25.58 36.81
CA VAL B 449 4.55 25.51 35.83
C VAL B 449 5.80 24.87 36.52
N GLY B 450 6.10 25.32 37.74
CA GLY B 450 7.20 24.74 38.51
C GLY B 450 7.06 23.26 38.85
N ASP B 451 5.87 22.65 38.67
CA ASP B 451 5.69 21.22 38.85
C ASP B 451 5.98 20.44 37.58
N LEU B 452 6.15 21.10 36.47
CA LEU B 452 6.27 20.34 35.23
C LEU B 452 7.58 19.56 35.34
N PRO B 453 7.56 18.30 34.93
CA PRO B 453 8.71 17.39 35.00
C PRO B 453 9.68 17.57 33.84
N CYS B 454 10.29 18.74 33.80
CA CYS B 454 11.34 19.01 32.89
C CYS B 454 12.68 18.91 33.65
N ASP B 455 13.75 19.12 32.91
CA ASP B 455 15.08 18.94 33.40
C ASP B 455 15.68 20.24 33.84
N SER B 456 15.09 21.36 33.42
CA SER B 456 15.45 22.62 34.01
C SER B 456 14.28 23.54 34.23
N VAL B 457 14.48 24.55 35.07
CA VAL B 457 13.49 25.60 35.25
C VAL B 457 13.22 26.30 33.92
N GLU B 458 14.28 26.56 33.15
CA GLU B 458 14.11 27.26 31.89
C GLU B 458 13.19 26.49 30.95
N ASP B 459 13.36 25.17 30.87
CA ASP B 459 12.45 24.29 30.12
C ASP B 459 10.98 24.33 30.61
N GLN B 460 10.76 24.39 31.92
CA GLN B 460 9.40 24.51 32.42
C GLN B 460 8.74 25.75 31.84
N LEU B 461 9.49 26.85 31.92
CA LEU B 461 9.02 28.18 31.50
C LEU B 461 8.87 28.28 29.99
N SER B 462 9.84 27.74 29.26
CA SER B 462 9.81 27.86 27.81
C SER B 462 8.62 27.05 27.25
N LEU B 463 8.47 25.81 27.69
CA LEU B 463 7.38 24.97 27.24
C LEU B 463 6.04 25.64 27.56
N ALA B 464 5.87 26.11 28.80
CA ALA B 464 4.61 26.77 29.19
C ALA B 464 4.36 28.01 28.34
N THR B 465 5.40 28.77 28.07
CA THR B 465 5.24 30.02 27.32
C THR B 465 4.92 29.72 25.87
N THR B 466 5.67 28.83 25.24
CA THR B 466 5.36 28.43 23.90
C THR B 466 3.87 28.01 23.80
N LEU B 467 3.37 27.19 24.73
CA LEU B 467 1.99 26.68 24.61
C LEU B 467 0.99 27.78 24.82
N TYR B 468 1.26 28.63 25.78
CA TYR B 468 0.34 29.71 26.08
C TYR B 468 0.24 30.64 24.89
N ASP B 469 1.37 31.02 24.31
CA ASP B 469 1.38 32.07 23.28
C ASP B 469 0.69 31.59 22.04
N LYS B 470 0.69 30.27 21.89
CA LYS B 470 0.08 29.62 20.76
C LYS B 470 -1.44 29.43 20.90
N GLY B 471 -2.00 29.75 22.08
CA GLY B 471 -3.38 29.54 22.37
C GLY B 471 -3.74 28.12 22.84
N LEU B 472 -2.82 27.43 23.48
CA LEU B 472 -3.01 26.04 23.82
C LEU B 472 -3.12 25.78 25.32
N LEU B 473 -2.99 26.83 26.12
CA LEU B 473 -2.92 26.69 27.59
C LEU B 473 -3.72 27.86 28.20
N LEU B 474 -4.39 27.62 29.30
CA LEU B 474 -4.93 28.75 30.11
C LEU B 474 -4.28 28.79 31.49
N THR B 475 -4.36 29.94 32.15
CA THR B 475 -3.82 30.14 33.51
C THR B 475 -5.00 30.25 34.47
N LYS B 476 -4.76 29.98 35.75
CA LYS B 476 -5.83 29.98 36.77
C LYS B 476 -6.34 31.40 37.01
N MET B 477 -5.43 32.36 37.04
CA MET B 477 -5.75 33.78 37.12
C MET B 477 -5.21 34.42 35.84
N PRO B 478 -5.90 35.43 35.29
CA PRO B 478 -5.30 36.14 34.13
C PRO B 478 -3.91 36.72 34.42
N LEU B 479 -3.08 36.78 33.41
CA LEU B 479 -1.76 37.37 33.54
C LEU B 479 -1.76 38.94 33.51
N ALA B 480 -2.86 39.58 33.10
CA ALA B 480 -2.93 41.04 33.00
C ALA B 480 -4.36 41.55 33.16
#